data_4A39
#
_entry.id   4A39
#
_cell.length_a   41.210
_cell.length_b   83.730
_cell.length_c   105.570
_cell.angle_alpha   90.00
_cell.angle_beta   100.77
_cell.angle_gamma   90.00
#
_symmetry.space_group_name_H-M   'P 1 21 1'
#
loop_
_entity.id
_entity.type
_entity.pdbx_description
1 polymer METALLO-CARBOXYPEPTIDASE
2 non-polymer 'ZINC ION'
3 non-polymer '(2-GUANIDINOETHYLMERCAPTO)SUCCINIC ACID'
4 water water
#
_entity_poly.entity_id   1
_entity_poly.type   'polypeptide(L)'
_entity_poly.pdbx_seq_one_letter_code
;MASWSHPQFEKGAMQIRADFDSGNIQVIDASDPRRIRLAIRPDLASQHFQWFHFKVEGMAPATEHCFTLVNAGQSAYSHA
WSGYQAVASYDGERWFRVPSQYDADGLHFQLEPEESEVRFAYFEPYSRERHARLVERALGIEGVERLAVGTSVQGRDIEL
LRVRRHPDSHLKLWVIAQQHPGEHMAEWFMEGLIERLQRPDDTEMQRLLEKADLYLVPNMNPDGAFHGNLRTNAAGQDLN
RAWLEPSAERSPEVWFVQQEMKRHGVDLFLDIHGDEEIPHVFAAGCEGNPGYTPRLERLEQRFREELMARGEFQIRHGYP
RSAPGQANLALACNFVGQTYDCLAFTIEMPFKDHDDNPEPGTGWSGARSKRLGQDVLSTLAVLVDELR
;
_entity_poly.pdbx_strand_id   A,B
#
loop_
_chem_comp.id
_chem_comp.type
_chem_comp.name
_chem_comp.formula
GEM non-polymer '(2-GUANIDINOETHYLMERCAPTO)SUCCINIC ACID' 'C7 H13 N3 O4 S'
ZN non-polymer 'ZINC ION' 'Zn 2'
#
# COMPACT_ATOMS: atom_id res chain seq x y z
N MET A 14 11.76 11.09 -18.55
CA MET A 14 11.90 9.61 -18.42
C MET A 14 10.58 9.02 -17.94
N GLN A 15 10.44 7.69 -18.05
CA GLN A 15 9.23 7.02 -17.59
C GLN A 15 9.61 5.83 -16.72
N ILE A 16 8.90 5.69 -15.60
CA ILE A 16 9.16 4.61 -14.65
C ILE A 16 7.89 3.78 -14.51
N ARG A 17 8.06 2.46 -14.42
CA ARG A 17 6.91 1.58 -14.29
C ARG A 17 7.27 0.27 -13.59
N ALA A 18 6.25 -0.42 -13.09
CA ALA A 18 6.43 -1.68 -12.39
C ALA A 18 5.32 -2.65 -12.77
N ASP A 19 4.78 -2.49 -13.97
CA ASP A 19 3.69 -3.32 -14.46
C ASP A 19 4.20 -4.63 -15.08
N PHE A 20 4.80 -5.46 -14.23
CA PHE A 20 5.35 -6.75 -14.65
C PHE A 20 5.58 -7.66 -13.46
N ASP A 21 5.94 -8.91 -13.76
CA ASP A 21 6.19 -9.94 -12.75
C ASP A 21 7.13 -9.45 -11.63
N SER A 22 6.63 -9.45 -10.41
CA SER A 22 7.36 -9.03 -9.20
C SER A 22 7.63 -7.54 -9.12
N GLY A 23 7.00 -6.77 -10.00
CA GLY A 23 7.19 -5.34 -9.97
C GLY A 23 6.60 -4.71 -8.72
N ASN A 24 7.26 -3.69 -8.19
CA ASN A 24 6.77 -2.98 -7.02
C ASN A 24 7.36 -1.58 -6.90
N ILE A 25 6.50 -0.58 -7.09
CA ILE A 25 6.89 0.82 -6.95
C ILE A 25 5.72 1.73 -7.27
N GLN A 26 5.73 2.92 -6.66
CA GLN A 26 4.73 3.94 -6.90
C GLN A 26 5.56 5.17 -7.29
N VAL A 27 5.25 5.75 -8.45
CA VAL A 27 6.01 6.93 -8.89
C VAL A 27 5.43 8.21 -8.31
N ILE A 28 6.27 9.01 -7.67
CA ILE A 28 5.82 10.27 -7.09
C ILE A 28 6.16 11.37 -8.08
N ASP A 29 7.43 11.49 -8.41
CA ASP A 29 7.90 12.52 -9.34
C ASP A 29 9.24 12.12 -9.96
N ALA A 30 9.28 12.07 -11.28
CA ALA A 30 10.49 11.71 -12.00
C ALA A 30 10.82 12.75 -13.08
N SER A 31 10.40 13.99 -12.84
CA SER A 31 10.64 15.07 -13.80
C SER A 31 12.05 15.64 -13.75
N ASP A 32 12.74 15.45 -12.62
CA ASP A 32 14.09 15.96 -12.44
C ASP A 32 15.01 14.77 -12.13
N PRO A 33 15.97 14.47 -13.03
CA PRO A 33 16.89 13.34 -12.84
C PRO A 33 17.62 13.29 -11.49
N ARG A 34 17.86 14.45 -10.87
CA ARG A 34 18.57 14.46 -9.59
C ARG A 34 17.60 14.51 -8.41
N ARG A 35 16.30 14.43 -8.70
CA ARG A 35 15.27 14.47 -7.67
C ARG A 35 14.16 13.45 -7.91
N ILE A 36 14.51 12.25 -8.34
CA ILE A 36 13.52 11.21 -8.61
C ILE A 36 12.97 10.71 -7.28
N ARG A 37 11.65 10.82 -7.09
CA ARG A 37 11.00 10.41 -5.86
C ARG A 37 10.07 9.23 -6.11
N LEU A 38 10.22 8.18 -5.33
CA LEU A 38 9.41 6.97 -5.48
C LEU A 38 9.02 6.43 -4.11
N ALA A 39 7.99 5.58 -4.08
CA ALA A 39 7.55 4.96 -2.84
C ALA A 39 7.35 3.46 -3.05
N ILE A 40 7.63 2.68 -2.01
CA ILE A 40 7.47 1.24 -2.08
C ILE A 40 5.99 0.94 -1.80
N ARG A 41 5.44 -0.03 -2.51
CA ARG A 41 4.04 -0.41 -2.35
C ARG A 41 3.84 -1.52 -1.32
N PRO A 42 2.88 -1.35 -0.40
CA PRO A 42 2.63 -2.39 0.61
C PRO A 42 2.07 -3.65 -0.04
N ASP A 43 2.19 -4.79 0.65
CA ASP A 43 1.68 -6.06 0.14
C ASP A 43 0.20 -5.99 -0.25
N LEU A 44 -0.22 -6.88 -1.16
CA LEU A 44 -1.60 -6.91 -1.63
C LEU A 44 -2.64 -6.83 -0.52
N ALA A 45 -2.44 -7.61 0.54
CA ALA A 45 -3.39 -7.62 1.64
C ALA A 45 -2.77 -7.52 3.04
N SER A 46 -1.62 -6.85 3.15
CA SER A 46 -0.98 -6.66 4.44
C SER A 46 -0.14 -5.38 4.39
N GLN A 47 0.18 -4.85 5.57
CA GLN A 47 0.94 -3.60 5.67
C GLN A 47 2.42 -3.68 5.31
N HIS A 48 2.95 -4.90 5.25
CA HIS A 48 4.37 -5.09 4.96
C HIS A 48 4.88 -4.58 3.62
N PHE A 49 6.13 -4.16 3.63
CA PHE A 49 6.81 -3.75 2.41
C PHE A 49 8.30 -3.53 2.67
N GLN A 50 9.08 -3.77 1.63
CA GLN A 50 10.52 -3.58 1.65
C GLN A 50 11.03 -3.86 0.23
N TRP A 51 10.54 -4.95 -0.35
CA TRP A 51 10.91 -5.33 -1.72
C TRP A 51 10.42 -4.30 -2.72
N PHE A 52 11.28 -3.96 -3.68
CA PHE A 52 10.94 -3.01 -4.74
C PHE A 52 11.56 -3.54 -6.03
N HIS A 53 10.97 -3.18 -7.16
CA HIS A 53 11.46 -3.61 -8.47
C HIS A 53 10.77 -2.75 -9.51
N PHE A 54 11.55 -1.96 -10.24
CA PHE A 54 10.98 -1.10 -11.27
C PHE A 54 11.92 -0.89 -12.44
N LYS A 55 11.35 -0.42 -13.55
CA LYS A 55 12.13 -0.15 -14.75
C LYS A 55 12.08 1.34 -15.10
N VAL A 56 13.20 1.86 -15.56
CA VAL A 56 13.28 3.27 -15.96
C VAL A 56 13.60 3.27 -17.46
N GLU A 57 12.88 4.09 -18.22
CA GLU A 57 13.12 4.16 -19.66
C GLU A 57 13.21 5.63 -20.08
N GLY A 58 13.87 5.87 -21.21
CA GLY A 58 14.00 7.22 -21.71
C GLY A 58 14.98 8.12 -20.97
N MET A 59 15.97 7.52 -20.32
CA MET A 59 16.95 8.32 -19.57
C MET A 59 17.94 9.00 -20.50
N ALA A 60 18.31 10.23 -20.17
CA ALA A 60 19.25 11.00 -20.97
C ALA A 60 20.67 10.50 -20.74
N PRO A 61 21.54 10.62 -21.75
CA PRO A 61 22.93 10.18 -21.65
C PRO A 61 23.81 11.14 -20.85
N ALA A 62 24.92 10.63 -20.31
CA ALA A 62 25.86 11.42 -19.54
C ALA A 62 25.12 12.26 -18.52
N THR A 63 24.18 11.64 -17.82
CA THR A 63 23.37 12.33 -16.84
C THR A 63 23.26 11.54 -15.54
N GLU A 64 23.60 12.19 -14.43
CA GLU A 64 23.51 11.54 -13.13
C GLU A 64 22.06 11.49 -12.68
N HIS A 65 21.60 10.30 -12.31
CA HIS A 65 20.24 10.12 -11.84
C HIS A 65 20.29 9.77 -10.36
N CYS A 66 19.50 10.50 -9.57
CA CYS A 66 19.47 10.31 -8.13
C CYS A 66 18.06 9.89 -7.70
N PHE A 67 17.98 8.68 -7.15
CA PHE A 67 16.70 8.11 -6.71
C PHE A 67 16.53 8.12 -5.20
N THR A 68 15.28 8.24 -4.77
CA THR A 68 14.95 8.21 -3.35
C THR A 68 13.66 7.43 -3.12
N LEU A 69 13.72 6.44 -2.22
CA LEU A 69 12.53 5.68 -1.86
C LEU A 69 12.12 6.41 -0.58
N VAL A 70 11.22 7.37 -0.74
CA VAL A 70 10.77 8.23 0.34
C VAL A 70 10.13 7.59 1.57
N ASN A 71 9.54 6.41 1.42
CA ASN A 71 8.90 5.77 2.56
C ASN A 71 9.66 4.59 3.14
N ALA A 72 10.95 4.52 2.84
CA ALA A 72 11.79 3.43 3.35
C ALA A 72 11.74 3.39 4.88
N GLY A 73 11.59 4.55 5.51
CA GLY A 73 11.54 4.59 6.96
C GLY A 73 10.35 3.87 7.57
N GLN A 74 9.30 3.63 6.77
CA GLN A 74 8.11 2.95 7.25
C GLN A 74 8.06 1.48 6.84
N SER A 75 9.13 0.99 6.21
CA SER A 75 9.16 -0.40 5.77
C SER A 75 9.18 -1.39 6.92
N ALA A 76 8.95 -2.66 6.60
CA ALA A 76 8.91 -3.71 7.61
C ALA A 76 10.20 -3.85 8.42
N TYR A 77 11.34 -3.65 7.75
CA TYR A 77 12.64 -3.76 8.40
C TYR A 77 13.49 -2.56 8.02
N SER A 78 13.01 -1.39 8.43
CA SER A 78 13.68 -0.13 8.13
C SER A 78 15.09 0.00 8.67
N HIS A 79 15.42 -0.70 9.75
CA HIS A 79 16.77 -0.61 10.29
C HIS A 79 17.76 -1.35 9.39
N ALA A 80 17.24 -2.18 8.49
CA ALA A 80 18.10 -2.94 7.60
C ALA A 80 18.60 -2.17 6.38
N TRP A 81 18.13 -0.93 6.21
CA TRP A 81 18.56 -0.13 5.06
C TRP A 81 19.99 0.35 5.18
N SER A 82 20.45 0.52 6.41
CA SER A 82 21.83 0.96 6.64
C SER A 82 22.79 -0.10 6.12
N GLY A 83 23.71 0.32 5.26
CA GLY A 83 24.68 -0.61 4.70
C GLY A 83 24.20 -1.36 3.48
N TYR A 84 22.95 -1.13 3.09
CA TYR A 84 22.38 -1.80 1.93
C TYR A 84 22.58 -1.00 0.64
N GLN A 85 23.01 -1.69 -0.40
CA GLN A 85 23.23 -1.08 -1.71
C GLN A 85 22.24 -1.69 -2.70
N ALA A 86 21.46 -0.84 -3.37
CA ALA A 86 20.46 -1.30 -4.34
C ALA A 86 21.11 -2.01 -5.52
N VAL A 87 20.35 -2.89 -6.15
CA VAL A 87 20.85 -3.65 -7.30
C VAL A 87 20.21 -3.11 -8.57
N ALA A 88 20.95 -3.12 -9.67
CA ALA A 88 20.46 -2.62 -10.95
C ALA A 88 20.92 -3.50 -12.09
N SER A 89 20.28 -3.33 -13.26
CA SER A 89 20.63 -4.09 -14.44
C SER A 89 20.12 -3.43 -15.71
N TYR A 90 20.95 -3.41 -16.75
CA TYR A 90 20.54 -2.83 -18.02
C TYR A 90 19.78 -3.84 -18.85
N ASP A 91 20.15 -5.11 -18.72
CA ASP A 91 19.53 -6.17 -19.51
C ASP A 91 18.67 -7.20 -18.79
N GLY A 92 18.75 -7.25 -17.47
CA GLY A 92 17.98 -8.22 -16.73
C GLY A 92 18.74 -9.52 -16.53
N GLU A 93 19.98 -9.56 -17.01
CA GLU A 93 20.84 -10.73 -16.88
C GLU A 93 22.03 -10.45 -15.98
N ARG A 94 22.68 -9.31 -16.20
CA ARG A 94 23.83 -8.88 -15.41
C ARG A 94 23.36 -7.86 -14.39
N TRP A 95 23.42 -8.21 -13.11
CA TRP A 95 23.01 -7.31 -12.04
C TRP A 95 24.20 -6.76 -11.27
N PHE A 96 24.16 -5.47 -10.98
CA PHE A 96 25.25 -4.80 -10.26
C PHE A 96 24.74 -3.86 -9.15
N ARG A 97 25.55 -3.70 -8.11
CA ARG A 97 25.19 -2.83 -7.00
C ARG A 97 25.54 -1.38 -7.32
N VAL A 98 24.75 -0.45 -6.78
CA VAL A 98 24.97 0.98 -7.02
C VAL A 98 25.09 1.70 -5.68
N PRO A 99 25.86 2.81 -5.65
CA PRO A 99 26.05 3.61 -4.44
C PRO A 99 24.72 3.96 -3.78
N SER A 100 24.57 3.61 -2.51
CA SER A 100 23.33 3.88 -1.78
C SER A 100 23.61 4.41 -0.38
N GLN A 101 22.69 5.22 0.14
CA GLN A 101 22.81 5.78 1.48
C GLN A 101 21.42 5.78 2.10
N TYR A 102 21.36 5.83 3.44
CA TYR A 102 20.09 5.83 4.14
C TYR A 102 20.05 6.90 5.24
N ASP A 103 18.99 7.72 5.23
CA ASP A 103 18.79 8.74 6.24
C ASP A 103 17.30 8.95 6.48
N ALA A 104 16.94 9.99 7.22
CA ALA A 104 15.54 10.26 7.53
C ALA A 104 14.67 10.49 6.30
N ASP A 105 15.29 10.86 5.18
CA ASP A 105 14.54 11.11 3.95
C ASP A 105 14.25 9.83 3.16
N GLY A 106 14.92 8.73 3.54
CA GLY A 106 14.69 7.47 2.88
C GLY A 106 15.95 6.83 2.30
N LEU A 107 15.76 5.80 1.47
CA LEU A 107 16.89 5.13 0.82
C LEU A 107 17.22 5.91 -0.44
N HIS A 108 18.49 6.22 -0.64
CA HIS A 108 18.93 6.94 -1.82
C HIS A 108 19.98 6.14 -2.57
N PHE A 109 19.94 6.21 -3.90
CA PHE A 109 20.94 5.54 -4.72
C PHE A 109 21.13 6.32 -6.01
N GLN A 110 22.35 6.32 -6.53
CA GLN A 110 22.67 7.07 -7.74
C GLN A 110 23.31 6.24 -8.85
N LEU A 111 23.06 6.65 -10.09
CA LEU A 111 23.63 5.98 -11.25
C LEU A 111 23.65 6.91 -12.45
N GLU A 112 24.76 6.89 -13.19
CA GLU A 112 24.86 7.65 -14.43
C GLU A 112 24.78 6.50 -15.43
N PRO A 113 23.55 6.19 -15.91
CA PRO A 113 23.33 5.09 -16.86
C PRO A 113 24.09 5.18 -18.19
N GLU A 114 24.65 4.06 -18.61
CA GLU A 114 25.39 3.99 -19.87
C GLU A 114 24.44 3.72 -21.04
N GLU A 115 23.21 3.34 -20.71
CA GLU A 115 22.16 3.04 -21.68
C GLU A 115 20.92 3.79 -21.24
N SER A 116 19.95 3.92 -22.16
CA SER A 116 18.72 4.67 -21.88
C SER A 116 17.69 3.98 -20.96
N GLU A 117 17.89 2.69 -20.70
CA GLU A 117 16.97 2.01 -19.80
C GLU A 117 17.69 1.12 -18.80
N VAL A 118 17.15 1.07 -17.59
CA VAL A 118 17.74 0.25 -16.54
C VAL A 118 16.66 -0.18 -15.55
N ARG A 119 16.90 -1.29 -14.87
CA ARG A 119 15.97 -1.80 -13.87
C ARG A 119 16.65 -1.80 -12.50
N PHE A 120 15.88 -1.56 -11.45
CA PHE A 120 16.39 -1.59 -10.08
C PHE A 120 15.53 -2.55 -9.29
N ALA A 121 16.14 -3.27 -8.36
CA ALA A 121 15.41 -4.21 -7.52
C ALA A 121 16.10 -4.38 -6.17
N TYR A 122 15.38 -4.91 -5.20
CA TYR A 122 15.92 -5.11 -3.87
C TYR A 122 16.91 -6.28 -3.88
N PHE A 123 16.69 -7.21 -4.81
CA PHE A 123 17.57 -8.36 -5.01
C PHE A 123 17.32 -8.86 -6.43
N GLU A 124 18.29 -9.58 -7.01
CA GLU A 124 18.14 -10.12 -8.36
C GLU A 124 16.84 -10.94 -8.38
N PRO A 125 15.82 -10.47 -9.11
CA PRO A 125 14.52 -11.15 -9.20
C PRO A 125 14.46 -12.53 -9.85
N TYR A 126 13.54 -13.36 -9.35
CA TYR A 126 13.31 -14.69 -9.89
C TYR A 126 11.86 -14.67 -10.36
N SER A 127 11.66 -14.55 -11.67
CA SER A 127 10.31 -14.49 -12.23
C SER A 127 9.62 -15.85 -12.27
N ARG A 128 8.31 -15.83 -12.47
CA ARG A 128 7.56 -17.07 -12.55
C ARG A 128 7.88 -17.72 -13.90
N GLU A 129 8.31 -16.91 -14.88
CA GLU A 129 8.66 -17.46 -16.18
C GLU A 129 9.92 -18.28 -15.99
N ARG A 130 10.85 -17.78 -15.18
CA ARG A 130 12.08 -18.51 -14.92
C ARG A 130 11.72 -19.75 -14.11
N HIS A 131 10.71 -19.63 -13.24
CA HIS A 131 10.26 -20.75 -12.43
C HIS A 131 9.79 -21.87 -13.35
N ALA A 132 9.01 -21.51 -14.36
CA ALA A 132 8.51 -22.50 -15.30
C ALA A 132 9.66 -23.21 -15.98
N ARG A 133 10.68 -22.44 -16.37
CA ARG A 133 11.84 -23.03 -17.03
C ARG A 133 12.59 -23.98 -16.09
N LEU A 134 12.67 -23.61 -14.81
CA LEU A 134 13.35 -24.45 -13.82
C LEU A 134 12.62 -25.77 -13.67
N VAL A 135 11.30 -25.71 -13.61
CA VAL A 135 10.50 -26.93 -13.47
C VAL A 135 10.65 -27.80 -14.71
N GLU A 136 10.58 -27.18 -15.88
CA GLU A 136 10.73 -27.93 -17.14
C GLU A 136 12.10 -28.61 -17.18
N ARG A 137 13.12 -27.89 -16.75
CA ARG A 137 14.48 -28.44 -16.72
C ARG A 137 14.58 -29.60 -15.74
N ALA A 138 13.98 -29.45 -14.57
CA ALA A 138 14.03 -30.48 -13.55
C ALA A 138 13.39 -31.80 -14.00
N LEU A 139 12.23 -31.70 -14.64
CA LEU A 139 11.54 -32.90 -15.10
C LEU A 139 12.25 -33.64 -16.24
N GLY A 140 13.28 -33.00 -16.80
CA GLY A 140 14.03 -33.61 -17.87
C GLY A 140 15.26 -34.33 -17.33
N ILE A 141 15.48 -34.18 -16.03
CA ILE A 141 16.62 -34.81 -15.36
C ILE A 141 16.25 -36.22 -14.92
N GLU A 142 17.22 -37.12 -14.96
CA GLU A 142 16.98 -38.50 -14.58
C GLU A 142 16.58 -38.64 -13.11
N GLY A 143 15.48 -39.37 -12.88
CA GLY A 143 15.01 -39.60 -11.53
C GLY A 143 14.13 -38.52 -10.94
N VAL A 144 13.84 -37.48 -11.73
CA VAL A 144 13.01 -36.38 -11.25
C VAL A 144 11.59 -36.44 -11.80
N GLU A 145 10.62 -36.30 -10.90
CA GLU A 145 9.21 -36.33 -11.28
C GLU A 145 8.40 -35.37 -10.43
N ARG A 146 7.27 -34.93 -10.95
CA ARG A 146 6.40 -34.04 -10.18
C ARG A 146 5.53 -34.97 -9.34
N LEU A 147 5.87 -35.08 -8.06
CA LEU A 147 5.14 -35.94 -7.13
C LEU A 147 3.72 -35.49 -6.87
N ALA A 148 3.56 -34.19 -6.63
CA ALA A 148 2.25 -33.62 -6.34
C ALA A 148 2.24 -32.15 -6.74
N VAL A 149 1.06 -31.54 -6.73
CA VAL A 149 0.93 -30.14 -7.08
C VAL A 149 -0.16 -29.48 -6.24
N GLY A 150 0.18 -28.36 -5.60
CA GLY A 150 -0.78 -27.65 -4.79
C GLY A 150 -1.33 -26.45 -5.56
N THR A 151 -2.31 -25.77 -4.98
CA THR A 151 -2.92 -24.63 -5.64
C THR A 151 -2.96 -23.42 -4.71
N SER A 152 -2.38 -22.31 -5.18
CA SER A 152 -2.34 -21.09 -4.39
C SER A 152 -3.71 -20.44 -4.32
N VAL A 153 -3.84 -19.43 -3.45
CA VAL A 153 -5.11 -18.73 -3.31
C VAL A 153 -5.65 -18.25 -4.66
N GLN A 154 -4.76 -17.74 -5.51
CA GLN A 154 -5.18 -17.24 -6.82
C GLN A 154 -5.06 -18.22 -7.97
N GLY A 155 -4.90 -19.50 -7.66
CA GLY A 155 -4.84 -20.51 -8.70
C GLY A 155 -3.54 -20.74 -9.45
N ARG A 156 -2.41 -20.58 -8.76
CA ARG A 156 -1.11 -20.82 -9.38
C ARG A 156 -0.56 -22.12 -8.81
N ASP A 157 0.23 -22.84 -9.60
CA ASP A 157 0.78 -24.12 -9.18
C ASP A 157 1.88 -24.07 -8.12
N ILE A 158 1.82 -25.02 -7.19
CA ILE A 158 2.84 -25.17 -6.14
C ILE A 158 3.39 -26.58 -6.39
N GLU A 159 4.37 -26.71 -7.27
CA GLU A 159 4.93 -28.02 -7.58
C GLU A 159 5.79 -28.63 -6.49
N LEU A 160 5.60 -29.92 -6.26
CA LEU A 160 6.40 -30.68 -5.30
C LEU A 160 7.14 -31.70 -6.17
N LEU A 161 8.45 -31.53 -6.28
CA LEU A 161 9.27 -32.43 -7.09
C LEU A 161 9.94 -33.47 -6.21
N ARG A 162 10.10 -34.68 -6.74
CA ARG A 162 10.79 -35.73 -5.99
C ARG A 162 11.91 -36.31 -6.83
N VAL A 163 13.09 -36.38 -6.22
CA VAL A 163 14.26 -36.94 -6.89
C VAL A 163 14.47 -38.31 -6.25
N ARG A 164 14.26 -39.36 -7.04
CA ARG A 164 14.40 -40.74 -6.56
C ARG A 164 15.09 -41.56 -7.64
N ARG A 165 16.32 -41.99 -7.37
CA ARG A 165 17.07 -42.76 -8.34
C ARG A 165 17.29 -44.22 -7.95
N HIS A 166 16.86 -44.58 -6.74
CA HIS A 166 16.98 -45.95 -6.25
C HIS A 166 15.66 -46.36 -5.61
N PRO A 167 15.01 -47.39 -6.15
CA PRO A 167 13.73 -47.90 -5.66
C PRO A 167 13.72 -48.52 -4.27
N ASP A 168 14.81 -48.36 -3.53
CA ASP A 168 14.89 -48.93 -2.19
C ASP A 168 15.47 -47.99 -1.14
N SER A 169 15.58 -46.70 -1.47
CA SER A 169 16.11 -45.72 -0.52
C SER A 169 15.10 -45.63 0.62
N HIS A 170 15.47 -44.94 1.71
CA HIS A 170 14.57 -44.85 2.84
C HIS A 170 14.45 -43.47 3.48
N LEU A 171 15.37 -42.58 3.18
CA LEU A 171 15.32 -41.23 3.75
C LEU A 171 14.61 -40.24 2.85
N LYS A 172 13.92 -39.29 3.46
CA LYS A 172 13.18 -38.25 2.73
C LYS A 172 13.74 -36.90 3.15
N LEU A 173 14.45 -36.24 2.23
CA LEU A 173 15.04 -34.93 2.53
C LEU A 173 14.23 -33.82 1.87
N TRP A 174 13.61 -32.99 2.71
CA TRP A 174 12.78 -31.90 2.21
C TRP A 174 13.43 -30.51 2.20
N VAL A 175 13.22 -29.81 1.10
CA VAL A 175 13.72 -28.45 0.94
C VAL A 175 12.64 -27.61 0.27
N ILE A 176 12.17 -26.58 0.96
CA ILE A 176 11.15 -25.69 0.40
C ILE A 176 11.70 -24.26 0.39
N ALA A 177 11.22 -23.45 -0.54
CA ALA A 177 11.75 -22.10 -0.66
C ALA A 177 10.76 -20.98 -0.90
N GLN A 178 11.20 -19.78 -0.51
CA GLN A 178 10.47 -18.53 -0.70
C GLN A 178 9.04 -18.42 -0.18
N GLN A 179 8.82 -18.83 1.07
CA GLN A 179 7.50 -18.69 1.67
C GLN A 179 7.19 -17.18 1.71
N HIS A 180 8.23 -16.38 1.87
CA HIS A 180 8.10 -14.93 1.88
C HIS A 180 8.52 -14.53 0.46
N PRO A 181 7.55 -14.03 -0.34
CA PRO A 181 7.75 -13.61 -1.72
C PRO A 181 8.92 -12.70 -2.07
N GLY A 182 9.26 -11.78 -1.17
CA GLY A 182 10.35 -10.86 -1.47
C GLY A 182 11.75 -11.44 -1.34
N GLU A 183 11.85 -12.65 -0.79
CA GLU A 183 13.16 -13.26 -0.58
C GLU A 183 13.59 -14.11 -1.78
N HIS A 184 13.76 -13.42 -2.91
CA HIS A 184 14.11 -14.04 -4.18
C HIS A 184 15.37 -14.89 -4.21
N MET A 185 16.29 -14.64 -3.28
CA MET A 185 17.50 -15.45 -3.23
C MET A 185 17.12 -16.90 -2.98
N ALA A 186 15.97 -17.12 -2.35
CA ALA A 186 15.52 -18.47 -2.04
C ALA A 186 15.31 -19.37 -3.25
N GLU A 187 14.57 -18.92 -4.26
CA GLU A 187 14.41 -19.80 -5.41
C GLU A 187 15.70 -19.90 -6.22
N TRP A 188 16.56 -18.87 -6.15
CA TRP A 188 17.84 -18.96 -6.86
C TRP A 188 18.60 -20.13 -6.26
N PHE A 189 18.54 -20.26 -4.94
CA PHE A 189 19.18 -21.36 -4.21
C PHE A 189 18.66 -22.69 -4.78
N MET A 190 17.35 -22.77 -5.00
CA MET A 190 16.74 -23.98 -5.53
C MET A 190 17.21 -24.28 -6.95
N GLU A 191 17.41 -23.23 -7.76
CA GLU A 191 17.88 -23.44 -9.13
C GLU A 191 19.27 -24.08 -9.13
N GLY A 192 20.13 -23.65 -8.22
CA GLY A 192 21.47 -24.21 -8.13
C GLY A 192 21.42 -25.67 -7.72
N LEU A 193 20.56 -25.97 -6.75
CA LEU A 193 20.39 -27.31 -6.25
C LEU A 193 19.95 -28.24 -7.39
N ILE A 194 18.89 -27.84 -8.09
CA ILE A 194 18.36 -28.65 -9.19
C ILE A 194 19.33 -28.78 -10.37
N GLU A 195 20.02 -27.71 -10.71
CA GLU A 195 20.95 -27.78 -11.82
C GLU A 195 22.10 -28.76 -11.56
N ARG A 196 22.48 -28.92 -10.30
CA ARG A 196 23.57 -29.85 -9.99
C ARG A 196 23.17 -31.28 -10.32
N LEU A 197 21.88 -31.57 -10.26
CA LEU A 197 21.37 -32.91 -10.56
C LEU A 197 21.60 -33.34 -12.01
N GLN A 198 21.87 -32.35 -12.88
CA GLN A 198 22.12 -32.62 -14.29
C GLN A 198 23.47 -33.30 -14.54
N ARG A 199 24.40 -33.12 -13.61
CA ARG A 199 25.73 -33.70 -13.74
C ARG A 199 25.72 -35.21 -13.98
N PRO A 200 26.41 -35.66 -15.05
CA PRO A 200 26.50 -37.08 -15.41
C PRO A 200 27.30 -37.89 -14.40
N ASP A 201 28.44 -37.35 -13.98
CA ASP A 201 29.31 -38.03 -13.02
C ASP A 201 29.49 -37.21 -11.75
N ASP A 202 28.61 -37.41 -10.79
CA ASP A 202 28.67 -36.71 -9.52
C ASP A 202 28.66 -37.77 -8.41
N THR A 203 29.84 -38.20 -8.01
CA THR A 203 29.99 -39.23 -6.98
C THR A 203 29.28 -38.92 -5.66
N GLU A 204 29.33 -37.65 -5.24
CA GLU A 204 28.68 -37.27 -3.98
C GLU A 204 27.16 -37.46 -4.05
N MET A 205 26.57 -37.14 -5.20
CA MET A 205 25.12 -37.27 -5.37
C MET A 205 24.72 -38.74 -5.56
N GLN A 206 25.64 -39.54 -6.06
CA GLN A 206 25.35 -40.95 -6.28
C GLN A 206 25.25 -41.59 -4.89
N ARG A 207 26.17 -41.20 -4.01
CA ARG A 207 26.18 -41.71 -2.65
C ARG A 207 24.95 -41.25 -1.89
N LEU A 208 24.62 -39.97 -2.03
CA LEU A 208 23.46 -39.40 -1.35
C LEU A 208 22.14 -40.01 -1.80
N LEU A 209 21.96 -40.15 -3.11
CA LEU A 209 20.71 -40.67 -3.65
C LEU A 209 20.55 -42.18 -3.55
N GLU A 210 21.60 -42.88 -3.15
CA GLU A 210 21.49 -44.33 -2.98
C GLU A 210 20.76 -44.57 -1.66
N LYS A 211 20.78 -43.57 -0.78
CA LYS A 211 20.15 -43.67 0.52
C LYS A 211 19.02 -42.69 0.77
N ALA A 212 18.88 -41.68 -0.09
CA ALA A 212 17.82 -40.70 0.11
C ALA A 212 17.17 -40.16 -1.15
N ASP A 213 15.94 -39.69 -0.99
CA ASP A 213 15.19 -39.07 -2.08
C ASP A 213 15.04 -37.61 -1.67
N LEU A 214 14.97 -36.71 -2.65
CA LEU A 214 14.80 -35.30 -2.35
C LEU A 214 13.38 -34.86 -2.67
N TYR A 215 12.77 -34.15 -1.74
CA TYR A 215 11.42 -33.61 -1.91
C TYR A 215 11.63 -32.10 -1.96
N LEU A 216 11.41 -31.52 -3.13
CA LEU A 216 11.66 -30.11 -3.35
C LEU A 216 10.47 -29.26 -3.77
N VAL A 217 10.36 -28.08 -3.16
CA VAL A 217 9.30 -27.12 -3.50
C VAL A 217 10.02 -25.83 -3.86
N PRO A 218 10.27 -25.60 -5.16
CA PRO A 218 10.96 -24.41 -5.67
C PRO A 218 10.38 -23.06 -5.24
N ASN A 219 9.06 -22.96 -5.13
CA ASN A 219 8.45 -21.70 -4.70
C ASN A 219 7.13 -21.90 -3.96
N MET A 220 7.15 -21.52 -2.69
CA MET A 220 6.01 -21.65 -1.79
C MET A 220 4.97 -20.54 -1.85
N ASN A 221 5.24 -19.48 -2.60
CA ASN A 221 4.31 -18.35 -2.65
C ASN A 221 4.32 -17.68 -4.03
N PRO A 222 3.82 -18.38 -5.06
CA PRO A 222 3.79 -17.81 -6.40
C PRO A 222 2.96 -16.54 -6.53
N ASP A 223 1.85 -16.46 -5.78
CA ASP A 223 1.01 -15.26 -5.84
C ASP A 223 1.78 -14.05 -5.34
N GLY A 224 2.38 -14.18 -4.17
CA GLY A 224 3.14 -13.08 -3.60
C GLY A 224 4.31 -12.65 -4.48
N ALA A 225 5.04 -13.62 -5.02
CA ALA A 225 6.18 -13.30 -5.88
C ALA A 225 5.74 -12.51 -7.11
N PHE A 226 4.74 -13.04 -7.82
CA PHE A 226 4.25 -12.36 -9.02
C PHE A 226 3.78 -10.94 -8.75
N HIS A 227 3.11 -10.73 -7.61
CA HIS A 227 2.60 -9.41 -7.28
C HIS A 227 3.61 -8.46 -6.64
N GLY A 228 4.86 -8.89 -6.54
CA GLY A 228 5.87 -8.04 -5.97
C GLY A 228 5.69 -7.79 -4.47
N ASN A 229 5.11 -8.76 -3.78
CA ASN A 229 4.89 -8.69 -2.33
C ASN A 229 6.22 -8.97 -1.64
N LEU A 230 6.28 -8.68 -0.35
CA LEU A 230 7.47 -8.93 0.44
C LEU A 230 7.27 -10.11 1.39
N ARG A 231 6.19 -10.03 2.16
CA ARG A 231 5.91 -10.96 3.23
C ARG A 231 4.75 -11.95 3.18
N THR A 232 3.63 -11.51 2.65
CA THR A 232 2.43 -12.36 2.67
C THR A 232 1.93 -12.94 1.35
N ASN A 233 1.05 -13.93 1.46
CA ASN A 233 0.46 -14.54 0.28
C ASN A 233 -0.71 -13.64 -0.12
N ALA A 234 -1.46 -14.03 -1.14
CA ALA A 234 -2.56 -13.21 -1.62
C ALA A 234 -3.61 -12.84 -0.57
N ALA A 235 -3.89 -13.75 0.35
CA ALA A 235 -4.89 -13.49 1.38
C ALA A 235 -4.36 -12.64 2.53
N GLY A 236 -3.09 -12.27 2.47
CA GLY A 236 -2.51 -11.45 3.52
C GLY A 236 -1.94 -12.22 4.70
N GLN A 237 -1.73 -13.52 4.52
CA GLN A 237 -1.20 -14.37 5.57
C GLN A 237 0.31 -14.59 5.45
N ASP A 238 1.02 -14.48 6.57
CA ASP A 238 2.47 -14.73 6.60
C ASP A 238 2.53 -16.25 6.65
N LEU A 239 2.91 -16.88 5.54
CA LEU A 239 2.96 -18.33 5.48
C LEU A 239 3.86 -18.97 6.55
N ASN A 240 4.91 -18.29 6.96
CA ASN A 240 5.76 -18.90 7.96
C ASN A 240 5.30 -18.69 9.39
N ARG A 241 4.01 -18.40 9.54
CA ARG A 241 3.38 -18.24 10.85
C ARG A 241 2.08 -19.06 10.79
N ALA A 242 1.95 -19.86 9.74
CA ALA A 242 0.73 -20.67 9.55
C ALA A 242 0.94 -22.16 9.70
N TRP A 243 2.08 -22.58 10.23
CA TRP A 243 2.31 -24.02 10.35
C TRP A 243 1.65 -24.72 11.52
N LEU A 244 1.29 -23.96 12.56
CA LEU A 244 0.63 -24.57 13.70
C LEU A 244 -0.85 -24.77 13.38
N GLU A 245 -1.40 -23.84 12.60
CA GLU A 245 -2.83 -23.89 12.23
C GLU A 245 -3.05 -23.48 10.77
N PRO A 246 -2.64 -24.33 9.82
CA PRO A 246 -2.81 -24.04 8.39
C PRO A 246 -4.27 -24.09 7.94
N SER A 247 -4.55 -23.46 6.81
CA SER A 247 -5.90 -23.39 6.27
C SER A 247 -5.93 -23.63 4.77
N ALA A 248 -6.82 -24.52 4.33
CA ALA A 248 -6.94 -24.81 2.92
C ALA A 248 -7.47 -23.56 2.21
N GLU A 249 -8.11 -22.69 2.99
CA GLU A 249 -8.70 -21.47 2.45
C GLU A 249 -7.75 -20.26 2.49
N ARG A 250 -7.12 -20.04 3.64
CA ARG A 250 -6.22 -18.90 3.83
C ARG A 250 -4.74 -19.17 3.54
N SER A 251 -4.28 -20.38 3.81
CA SER A 251 -2.87 -20.73 3.57
C SER A 251 -2.75 -22.07 2.85
N PRO A 252 -3.43 -22.20 1.70
CA PRO A 252 -3.39 -23.44 0.93
C PRO A 252 -1.99 -23.92 0.57
N GLU A 253 -1.06 -22.98 0.41
CA GLU A 253 0.31 -23.32 0.08
C GLU A 253 0.94 -24.17 1.17
N VAL A 254 0.70 -23.80 2.43
CA VAL A 254 1.25 -24.54 3.56
C VAL A 254 0.42 -25.81 3.83
N TRP A 255 -0.89 -25.70 3.67
CA TRP A 255 -1.78 -26.84 3.89
C TRP A 255 -1.36 -28.00 2.98
N PHE A 256 -1.03 -27.65 1.74
CA PHE A 256 -0.59 -28.61 0.73
C PHE A 256 0.66 -29.37 1.18
N VAL A 257 1.70 -28.63 1.54
CA VAL A 257 2.94 -29.26 1.95
C VAL A 257 2.78 -30.15 3.17
N GLN A 258 2.04 -29.69 4.17
CA GLN A 258 1.84 -30.50 5.37
C GLN A 258 1.13 -31.82 5.07
N GLN A 259 0.20 -31.82 4.11
CA GLN A 259 -0.50 -33.05 3.77
C GLN A 259 0.45 -34.04 3.13
N GLU A 260 1.34 -33.54 2.27
CA GLU A 260 2.30 -34.39 1.59
C GLU A 260 3.34 -34.92 2.57
N MET A 261 3.72 -34.08 3.54
CA MET A 261 4.69 -34.51 4.53
C MET A 261 4.11 -35.63 5.39
N LYS A 262 2.86 -35.48 5.79
CA LYS A 262 2.22 -36.49 6.62
C LYS A 262 2.19 -37.85 5.94
N ARG A 263 2.03 -37.84 4.63
CA ARG A 263 1.95 -39.06 3.85
C ARG A 263 3.28 -39.71 3.49
N HIS A 264 4.30 -38.91 3.21
CA HIS A 264 5.58 -39.50 2.84
C HIS A 264 6.62 -39.56 3.95
N GLY A 265 6.52 -38.71 4.96
CA GLY A 265 7.49 -38.72 6.04
C GLY A 265 8.60 -37.72 5.77
N VAL A 266 9.30 -37.32 6.83
CA VAL A 266 10.37 -36.33 6.74
C VAL A 266 11.58 -36.71 7.60
N ASP A 267 12.76 -36.70 7.00
CA ASP A 267 13.99 -37.03 7.73
C ASP A 267 14.99 -35.87 7.75
N LEU A 268 14.62 -34.79 7.08
CA LEU A 268 15.45 -33.59 7.00
C LEU A 268 14.58 -32.49 6.43
N PHE A 269 14.70 -31.27 6.96
CA PHE A 269 13.91 -30.16 6.46
C PHE A 269 14.69 -28.86 6.43
N LEU A 270 14.77 -28.26 5.25
CA LEU A 270 15.45 -26.97 5.10
C LEU A 270 14.45 -25.99 4.50
N ASP A 271 14.25 -24.87 5.20
CA ASP A 271 13.32 -23.82 4.78
C ASP A 271 14.21 -22.65 4.34
N ILE A 272 14.23 -22.37 3.03
CA ILE A 272 15.10 -21.33 2.48
C ILE A 272 14.50 -19.92 2.50
N HIS A 273 15.22 -19.02 3.17
CA HIS A 273 14.82 -17.61 3.36
C HIS A 273 15.94 -16.63 3.08
N GLY A 274 15.63 -15.35 3.26
CA GLY A 274 16.61 -14.29 3.08
C GLY A 274 16.41 -13.28 4.20
N ASP A 275 17.51 -12.75 4.73
CA ASP A 275 17.42 -11.78 5.82
C ASP A 275 17.92 -10.42 5.34
N GLU A 276 17.09 -9.40 5.56
CA GLU A 276 17.38 -8.04 5.13
C GLU A 276 18.53 -7.36 5.89
N GLU A 277 18.57 -7.59 7.20
CA GLU A 277 19.55 -6.96 8.08
C GLU A 277 20.97 -7.52 8.16
N ILE A 278 21.08 -8.81 8.42
CA ILE A 278 22.39 -9.45 8.61
C ILE A 278 23.17 -9.74 7.33
N PRO A 279 24.36 -9.16 7.19
CA PRO A 279 25.20 -9.37 6.00
C PRO A 279 26.08 -10.61 6.12
N HIS A 280 25.44 -11.76 6.36
CA HIS A 280 26.13 -13.04 6.50
C HIS A 280 25.14 -14.17 6.22
N VAL A 281 25.63 -15.25 5.61
CA VAL A 281 24.78 -16.41 5.37
C VAL A 281 24.81 -17.21 6.68
N PHE A 282 23.66 -17.69 7.13
CA PHE A 282 23.62 -18.48 8.36
C PHE A 282 22.39 -19.39 8.38
N ALA A 283 22.27 -20.17 9.46
CA ALA A 283 21.15 -21.07 9.63
C ALA A 283 20.60 -20.97 11.05
N ALA A 284 19.28 -20.99 11.19
CA ALA A 284 18.62 -20.94 12.49
C ALA A 284 18.06 -22.33 12.77
N GLY A 285 18.42 -22.91 13.91
CA GLY A 285 17.96 -24.25 14.27
C GLY A 285 16.73 -24.36 15.14
N CYS A 286 16.53 -25.54 15.73
CA CYS A 286 15.37 -25.82 16.58
C CYS A 286 15.67 -25.94 18.07
N GLU A 287 16.71 -25.28 18.56
CA GLU A 287 17.07 -25.41 19.96
C GLU A 287 15.99 -24.98 20.95
N GLY A 288 14.98 -24.25 20.49
CA GLY A 288 13.90 -23.82 21.36
C GLY A 288 12.72 -24.80 21.41
N ASN A 289 12.79 -25.85 20.60
CA ASN A 289 11.70 -26.84 20.57
C ASN A 289 11.62 -27.67 21.85
N PRO A 290 10.39 -27.87 22.36
CA PRO A 290 10.27 -28.68 23.57
C PRO A 290 10.76 -30.08 23.23
N GLY A 291 10.63 -30.45 21.96
CA GLY A 291 11.06 -31.77 21.51
C GLY A 291 12.53 -31.85 21.14
N TYR A 292 13.28 -30.77 21.34
CA TYR A 292 14.70 -30.75 21.01
C TYR A 292 15.39 -31.85 21.81
N THR A 293 16.39 -32.51 21.20
CA THR A 293 17.11 -33.60 21.85
C THR A 293 18.62 -33.48 21.62
N PRO A 294 19.43 -34.19 22.42
CA PRO A 294 20.88 -34.12 22.24
C PRO A 294 21.25 -34.60 20.84
N ARG A 295 20.46 -35.54 20.31
CA ARG A 295 20.70 -36.07 18.98
C ARG A 295 20.61 -34.95 17.94
N LEU A 296 19.55 -34.16 18.05
CA LEU A 296 19.35 -33.05 17.12
C LEU A 296 20.36 -31.93 17.34
N GLU A 297 20.76 -31.72 18.59
CA GLU A 297 21.74 -30.69 18.92
C GLU A 297 23.05 -30.99 18.20
N ARG A 298 23.45 -32.26 18.22
CA ARG A 298 24.68 -32.69 17.58
C ARG A 298 24.58 -32.61 16.06
N LEU A 299 23.43 -33.01 15.52
CA LEU A 299 23.23 -32.98 14.08
C LEU A 299 23.31 -31.57 13.54
N GLU A 300 22.77 -30.61 14.30
CA GLU A 300 22.80 -29.21 13.88
C GLU A 300 24.26 -28.76 13.85
N GLN A 301 25.03 -29.18 14.86
CA GLN A 301 26.44 -28.82 14.94
C GLN A 301 27.17 -29.41 13.74
N ARG A 302 26.90 -30.67 13.45
CA ARG A 302 27.52 -31.37 12.31
C ARG A 302 27.24 -30.66 10.98
N PHE A 303 25.98 -30.30 10.76
CA PHE A 303 25.57 -29.62 9.53
C PHE A 303 26.28 -28.27 9.35
N ARG A 304 26.27 -27.46 10.40
CA ARG A 304 26.90 -26.15 10.33
C ARG A 304 28.41 -26.22 10.07
N GLU A 305 29.06 -27.17 10.74
CA GLU A 305 30.51 -27.36 10.59
C GLU A 305 30.90 -27.83 9.20
N GLU A 306 30.17 -28.82 8.68
CA GLU A 306 30.46 -29.34 7.35
C GLU A 306 30.13 -28.33 6.25
N LEU A 307 29.08 -27.55 6.44
CA LEU A 307 28.70 -26.56 5.43
C LEU A 307 29.67 -25.37 5.43
N MET A 308 30.12 -24.99 6.61
CA MET A 308 31.05 -23.87 6.71
C MET A 308 32.39 -24.24 6.06
N ALA A 309 32.71 -25.53 6.07
CA ALA A 309 33.96 -25.99 5.48
C ALA A 309 33.89 -26.05 3.95
N ARG A 310 32.67 -26.00 3.42
CA ARG A 310 32.48 -26.10 1.97
C ARG A 310 31.94 -24.87 1.24
N GLY A 311 31.01 -24.15 1.86
CA GLY A 311 30.45 -23.00 1.16
C GLY A 311 30.54 -21.66 1.85
N GLU A 312 29.83 -20.68 1.32
CA GLU A 312 29.81 -19.35 1.91
C GLU A 312 28.75 -19.44 2.98
N PHE A 313 29.20 -19.80 4.18
CA PHE A 313 28.30 -20.00 5.31
C PHE A 313 29.09 -19.81 6.60
N GLN A 314 28.48 -19.20 7.60
CA GLN A 314 29.16 -19.00 8.88
C GLN A 314 28.24 -19.23 10.08
N ILE A 315 28.80 -19.20 11.27
CA ILE A 315 28.02 -19.47 12.48
C ILE A 315 27.89 -18.32 13.49
N ARG A 316 28.89 -17.45 13.56
CA ARG A 316 28.82 -16.38 14.55
C ARG A 316 27.66 -15.43 14.44
N HIS A 317 27.34 -15.01 13.23
CA HIS A 317 26.22 -14.10 13.03
C HIS A 317 24.94 -14.85 12.69
N GLY A 318 23.82 -14.35 13.19
CA GLY A 318 22.53 -14.97 12.94
C GLY A 318 21.55 -14.50 13.99
N TYR A 319 20.44 -15.24 14.13
CA TYR A 319 19.43 -14.88 15.12
C TYR A 319 19.82 -15.43 16.49
N PRO A 320 19.36 -14.78 17.56
CA PRO A 320 19.70 -15.27 18.90
C PRO A 320 19.11 -16.66 19.05
N ARG A 321 19.73 -17.48 19.89
CA ARG A 321 19.19 -18.81 20.10
C ARG A 321 18.04 -18.71 21.09
N SER A 322 17.07 -19.59 20.92
CA SER A 322 15.92 -19.62 21.80
C SER A 322 16.24 -20.30 23.11
N ALA A 323 15.64 -19.81 24.19
CA ALA A 323 15.84 -20.40 25.51
C ALA A 323 15.13 -21.75 25.41
N PRO A 324 15.58 -22.73 26.20
CA PRO A 324 14.96 -24.06 26.16
C PRO A 324 13.43 -24.05 26.19
N GLY A 325 12.83 -24.73 25.21
CA GLY A 325 11.38 -24.83 25.12
C GLY A 325 10.61 -23.57 24.77
N GLN A 326 11.28 -22.51 24.35
CA GLN A 326 10.61 -21.27 24.02
C GLN A 326 10.43 -20.96 22.54
N ALA A 327 10.53 -21.98 21.69
CA ALA A 327 10.38 -21.76 20.26
C ALA A 327 8.92 -21.49 19.87
N ASN A 328 8.75 -20.83 18.73
CA ASN A 328 7.43 -20.53 18.20
C ASN A 328 7.17 -21.64 17.18
N LEU A 329 6.28 -22.57 17.52
CA LEU A 329 5.98 -23.68 16.62
C LEU A 329 5.15 -23.32 15.39
N ALA A 330 4.86 -22.03 15.21
CA ALA A 330 4.11 -21.59 14.05
C ALA A 330 5.05 -21.51 12.83
N LEU A 331 6.35 -21.48 13.10
CA LEU A 331 7.37 -21.42 12.04
C LEU A 331 7.61 -22.83 11.50
N ALA A 332 7.80 -22.93 10.19
CA ALA A 332 8.03 -24.21 9.53
C ALA A 332 9.20 -25.01 10.08
N CYS A 333 10.34 -24.36 10.27
CA CYS A 333 11.51 -25.06 10.78
C CYS A 333 11.21 -25.78 12.08
N ASN A 334 10.67 -25.05 13.05
CA ASN A 334 10.34 -25.63 14.33
C ASN A 334 9.21 -26.66 14.29
N PHE A 335 8.14 -26.34 13.56
CA PHE A 335 7.01 -27.26 13.47
C PHE A 335 7.38 -28.59 12.84
N VAL A 336 8.04 -28.54 11.68
CA VAL A 336 8.43 -29.76 10.99
C VAL A 336 9.46 -30.54 11.80
N GLY A 337 10.45 -29.81 12.31
CA GLY A 337 11.48 -30.45 13.09
C GLY A 337 10.94 -31.23 14.27
N GLN A 338 9.95 -30.67 14.96
CA GLN A 338 9.38 -31.34 16.12
C GLN A 338 8.38 -32.41 15.75
N THR A 339 7.54 -32.13 14.75
CA THR A 339 6.52 -33.09 14.34
C THR A 339 7.13 -34.37 13.79
N TYR A 340 8.27 -34.24 13.12
CA TYR A 340 8.94 -35.40 12.53
C TYR A 340 10.25 -35.80 13.18
N ASP A 341 10.65 -35.08 14.23
CA ASP A 341 11.88 -35.36 14.95
C ASP A 341 13.07 -35.46 13.99
N CYS A 342 13.20 -34.45 13.13
CA CYS A 342 14.27 -34.46 12.14
C CYS A 342 15.13 -33.21 12.22
N LEU A 343 16.31 -33.29 11.62
CA LEU A 343 17.20 -32.14 11.56
C LEU A 343 16.44 -31.12 10.73
N ALA A 344 16.36 -29.88 11.23
CA ALA A 344 15.64 -28.84 10.53
C ALA A 344 16.28 -27.48 10.73
N PHE A 345 16.38 -26.71 9.64
CA PHE A 345 16.99 -25.39 9.68
C PHE A 345 16.25 -24.40 8.79
N THR A 346 16.36 -23.13 9.17
CA THR A 346 15.83 -22.05 8.35
C THR A 346 17.17 -21.55 7.80
N ILE A 347 17.35 -21.59 6.48
CA ILE A 347 18.59 -21.12 5.89
C ILE A 347 18.38 -19.66 5.52
N GLU A 348 19.33 -18.81 5.90
CA GLU A 348 19.21 -17.38 5.65
C GLU A 348 20.36 -16.79 4.83
N MET A 349 20.02 -16.24 3.67
CA MET A 349 21.00 -15.59 2.81
C MET A 349 20.73 -14.09 2.89
N PRO A 350 21.78 -13.26 2.82
CA PRO A 350 21.64 -11.80 2.91
C PRO A 350 21.20 -11.03 1.67
N PHE A 351 20.47 -9.94 1.91
CA PHE A 351 20.06 -9.05 0.82
C PHE A 351 21.25 -8.13 0.55
N LYS A 352 22.15 -8.03 1.52
CA LYS A 352 23.35 -7.20 1.41
C LYS A 352 24.45 -8.06 0.79
N ASP A 353 25.55 -8.25 1.49
CA ASP A 353 26.64 -9.09 0.98
C ASP A 353 26.93 -10.10 2.09
N HIS A 354 27.72 -11.12 1.77
CA HIS A 354 28.15 -12.10 2.77
C HIS A 354 29.51 -11.50 3.09
N ASP A 355 29.54 -10.64 4.10
CA ASP A 355 30.76 -9.93 4.47
C ASP A 355 32.01 -10.74 4.73
N ASP A 356 31.87 -12.04 5.01
CA ASP A 356 33.05 -12.87 5.24
C ASP A 356 33.88 -12.95 3.95
N ASN A 357 33.19 -12.96 2.81
CA ASN A 357 33.83 -13.01 1.49
C ASN A 357 33.26 -11.85 0.67
N PRO A 358 33.76 -10.63 0.90
CA PRO A 358 33.28 -9.44 0.19
C PRO A 358 33.41 -9.47 -1.34
N GLU A 359 32.31 -9.14 -2.01
CA GLU A 359 32.25 -9.05 -3.46
C GLU A 359 31.26 -7.91 -3.72
N PRO A 360 31.64 -6.68 -3.31
CA PRO A 360 30.86 -5.44 -3.42
C PRO A 360 30.21 -5.13 -4.76
N GLY A 361 30.84 -5.54 -5.86
CA GLY A 361 30.28 -5.27 -7.17
C GLY A 361 28.89 -5.85 -7.37
N THR A 362 28.64 -6.99 -6.74
CA THR A 362 27.35 -7.66 -6.87
C THR A 362 26.67 -7.91 -5.54
N GLY A 363 27.44 -7.85 -4.45
CA GLY A 363 26.87 -8.16 -3.15
C GLY A 363 26.43 -9.61 -3.25
N TRP A 364 25.51 -10.05 -2.40
CA TRP A 364 25.03 -11.42 -2.51
C TRP A 364 24.21 -11.43 -3.80
N SER A 365 24.29 -12.53 -4.55
CA SER A 365 23.65 -12.63 -5.85
C SER A 365 22.93 -13.95 -6.12
N GLY A 366 22.26 -14.00 -7.27
CA GLY A 366 21.57 -15.22 -7.65
C GLY A 366 22.60 -16.32 -7.85
N ALA A 367 23.74 -15.98 -8.45
CA ALA A 367 24.79 -16.97 -8.69
C ALA A 367 25.36 -17.57 -7.40
N ARG A 368 25.60 -16.72 -6.41
CA ARG A 368 26.14 -17.20 -5.15
C ARG A 368 25.08 -18.02 -4.40
N SER A 369 23.80 -17.69 -4.61
CA SER A 369 22.71 -18.41 -3.99
C SER A 369 22.66 -19.82 -4.58
N LYS A 370 22.82 -19.89 -5.91
CA LYS A 370 22.84 -21.17 -6.61
C LYS A 370 23.98 -22.04 -6.09
N ARG A 371 25.14 -21.42 -5.87
CA ARG A 371 26.31 -22.15 -5.39
C ARG A 371 26.07 -22.70 -3.99
N LEU A 372 25.44 -21.91 -3.12
CA LEU A 372 25.16 -22.36 -1.77
C LEU A 372 24.26 -23.59 -1.83
N GLY A 373 23.33 -23.59 -2.78
CA GLY A 373 22.43 -24.73 -2.92
C GLY A 373 23.23 -25.99 -3.24
N GLN A 374 24.23 -25.83 -4.10
CA GLN A 374 25.06 -26.97 -4.46
C GLN A 374 25.95 -27.42 -3.31
N ASP A 375 26.43 -26.47 -2.50
CA ASP A 375 27.28 -26.83 -1.38
C ASP A 375 26.47 -27.50 -0.28
N VAL A 376 25.19 -27.15 -0.18
CA VAL A 376 24.33 -27.77 0.80
C VAL A 376 24.15 -29.24 0.43
N LEU A 377 24.05 -29.53 -0.87
CA LEU A 377 23.91 -30.90 -1.31
C LEU A 377 25.14 -31.70 -0.91
N SER A 378 26.31 -31.08 -1.01
CA SER A 378 27.55 -31.75 -0.62
C SER A 378 27.51 -32.07 0.86
N THR A 379 26.98 -31.13 1.66
CA THR A 379 26.89 -31.31 3.10
C THR A 379 25.95 -32.46 3.44
N LEU A 380 24.81 -32.53 2.76
CA LEU A 380 23.85 -33.59 3.01
C LEU A 380 24.43 -34.97 2.64
N ALA A 381 25.30 -35.00 1.64
CA ALA A 381 25.91 -36.25 1.21
C ALA A 381 26.80 -36.82 2.32
N VAL A 382 27.49 -35.93 3.03
CA VAL A 382 28.37 -36.34 4.12
C VAL A 382 27.61 -36.80 5.36
N LEU A 383 26.49 -36.15 5.65
CA LEU A 383 25.67 -36.45 6.82
C LEU A 383 24.59 -37.51 6.64
N VAL A 384 24.38 -37.96 5.41
CA VAL A 384 23.31 -38.93 5.15
C VAL A 384 23.19 -40.11 6.11
N ASP A 385 24.31 -40.73 6.48
CA ASP A 385 24.27 -41.88 7.39
C ASP A 385 23.97 -41.51 8.84
N GLU A 386 23.97 -40.22 9.15
CA GLU A 386 23.74 -39.75 10.51
C GLU A 386 22.34 -39.17 10.74
N LEU A 387 21.60 -38.92 9.66
CA LEU A 387 20.28 -38.33 9.78
C LEU A 387 19.27 -39.18 10.56
N ARG A 388 19.43 -40.49 10.49
CA ARG A 388 18.58 -41.44 11.20
C ARG A 388 19.43 -42.57 11.76
N MET B 14 -16.27 -12.94 -13.70
CA MET B 14 -16.39 -11.46 -13.64
C MET B 14 -15.01 -10.79 -13.62
N GLN B 15 -14.97 -9.52 -13.99
CA GLN B 15 -13.72 -8.78 -14.00
C GLN B 15 -13.82 -7.54 -13.11
N ILE B 16 -12.94 -7.45 -12.13
CA ILE B 16 -12.91 -6.32 -11.20
C ILE B 16 -11.67 -5.47 -11.45
N ARG B 17 -11.87 -4.19 -11.73
CA ARG B 17 -10.74 -3.29 -12.01
C ARG B 17 -10.88 -1.96 -11.30
N ALA B 18 -9.78 -1.20 -11.27
CA ALA B 18 -9.74 0.11 -10.64
C ALA B 18 -8.76 0.99 -11.40
N ASP B 19 -8.53 0.66 -12.67
CA ASP B 19 -7.62 1.40 -13.51
C ASP B 19 -8.30 2.62 -14.14
N PHE B 20 -8.66 3.57 -13.29
CA PHE B 20 -9.31 4.79 -13.74
C PHE B 20 -9.24 5.85 -12.64
N ASP B 21 -9.65 7.07 -12.98
CA ASP B 21 -9.65 8.20 -12.06
C ASP B 21 -10.29 7.83 -10.72
N SER B 22 -9.52 8.02 -9.64
CA SER B 22 -9.91 7.74 -8.26
C SER B 22 -10.15 6.27 -7.94
N GLY B 23 -9.71 5.38 -8.83
CA GLY B 23 -9.88 3.96 -8.58
C GLY B 23 -9.00 3.48 -7.44
N ASN B 24 -9.51 2.53 -6.67
CA ASN B 24 -8.76 1.97 -5.55
C ASN B 24 -9.30 0.62 -5.12
N ILE B 25 -8.50 -0.43 -5.32
CA ILE B 25 -8.86 -1.78 -4.91
C ILE B 25 -7.79 -2.77 -5.34
N GLN B 26 -7.65 -3.84 -4.57
CA GLN B 26 -6.70 -4.91 -4.85
C GLN B 26 -7.56 -6.16 -4.84
N VAL B 27 -7.52 -6.92 -5.93
CA VAL B 27 -8.32 -8.14 -6.04
C VAL B 27 -7.58 -9.34 -5.47
N ILE B 28 -8.19 -9.99 -4.49
CA ILE B 28 -7.60 -11.18 -3.89
C ILE B 28 -8.14 -12.39 -4.62
N ASP B 29 -9.47 -12.49 -4.68
CA ASP B 29 -10.13 -13.60 -5.35
C ASP B 29 -11.58 -13.27 -5.64
N ALA B 30 -11.95 -13.30 -6.92
CA ALA B 30 -13.31 -13.02 -7.35
C ALA B 30 -13.85 -14.14 -8.23
N SER B 31 -13.37 -15.35 -7.98
CA SER B 31 -13.80 -16.51 -8.78
C SER B 31 -15.16 -17.06 -8.33
N ASP B 32 -15.65 -16.59 -7.19
CA ASP B 32 -16.93 -17.04 -6.67
C ASP B 32 -17.74 -15.85 -6.17
N PRO B 33 -18.87 -15.55 -6.84
CA PRO B 33 -19.76 -14.43 -6.52
C PRO B 33 -20.21 -14.38 -5.05
N ARG B 34 -20.33 -15.54 -4.44
CA ARG B 34 -20.77 -15.62 -3.06
C ARG B 34 -19.67 -15.32 -2.04
N ARG B 35 -18.43 -15.20 -2.53
CA ARG B 35 -17.31 -14.91 -1.64
C ARG B 35 -16.20 -14.13 -2.34
N ILE B 36 -16.54 -12.92 -2.80
CA ILE B 36 -15.58 -12.06 -3.47
C ILE B 36 -14.70 -11.40 -2.41
N ARG B 37 -13.39 -11.59 -2.54
CA ARG B 37 -12.44 -11.04 -1.58
C ARG B 37 -11.59 -9.95 -2.22
N LEU B 38 -11.61 -8.76 -1.61
CA LEU B 38 -10.87 -7.61 -2.10
C LEU B 38 -10.13 -6.93 -0.93
N ALA B 39 -9.17 -6.07 -1.26
CA ALA B 39 -8.44 -5.34 -0.23
C ALA B 39 -8.29 -3.89 -0.68
N ILE B 40 -8.36 -2.97 0.27
CA ILE B 40 -8.19 -1.55 -0.05
C ILE B 40 -6.69 -1.32 -0.18
N ARG B 41 -6.31 -0.43 -1.10
CA ARG B 41 -4.90 -0.11 -1.33
C ARG B 41 -4.47 1.14 -0.57
N PRO B 42 -3.31 1.09 0.11
CA PRO B 42 -2.81 2.24 0.87
C PRO B 42 -2.46 3.39 -0.08
N ASP B 43 -2.42 4.61 0.47
CA ASP B 43 -2.08 5.79 -0.33
C ASP B 43 -0.75 5.63 -1.05
N LEU B 44 -0.60 6.37 -2.16
CA LEU B 44 0.60 6.35 -2.97
C LEU B 44 1.89 6.31 -2.16
N ALA B 45 2.02 7.24 -1.22
CA ALA B 45 3.21 7.32 -0.38
C ALA B 45 2.95 7.47 1.12
N SER B 46 1.87 6.87 1.61
CA SER B 46 1.56 6.88 3.03
C SER B 46 0.75 5.64 3.37
N GLN B 47 0.73 5.25 4.63
CA GLN B 47 0.03 4.05 5.05
C GLN B 47 -1.49 4.17 5.15
N HIS B 48 -2.00 5.39 5.01
CA HIS B 48 -3.43 5.63 5.11
C HIS B 48 -4.27 4.97 4.02
N PHE B 49 -5.48 4.56 4.40
CA PHE B 49 -6.45 4.01 3.45
C PHE B 49 -7.82 3.87 4.08
N GLN B 50 -8.84 4.00 3.25
CA GLN B 50 -10.24 3.89 3.65
C GLN B 50 -11.09 4.01 2.38
N TRP B 51 -10.74 4.97 1.53
CA TRP B 51 -11.44 5.18 0.27
C TRP B 51 -11.23 3.99 -0.65
N PHE B 52 -12.28 3.59 -1.35
CA PHE B 52 -12.21 2.49 -2.30
C PHE B 52 -13.13 2.86 -3.46
N HIS B 53 -12.84 2.32 -4.63
CA HIS B 53 -13.62 2.61 -5.83
C HIS B 53 -13.22 1.60 -6.89
N PHE B 54 -14.15 0.75 -7.31
CA PHE B 54 -13.85 -0.23 -8.33
C PHE B 54 -15.06 -0.55 -9.18
N LYS B 55 -14.81 -1.17 -10.33
CA LYS B 55 -15.86 -1.53 -11.27
C LYS B 55 -15.89 -3.04 -11.45
N VAL B 56 -17.09 -3.60 -11.61
CA VAL B 56 -17.24 -5.03 -11.81
C VAL B 56 -17.98 -5.25 -13.12
N GLU B 57 -17.44 -6.13 -13.96
CA GLU B 57 -18.07 -6.42 -15.25
C GLU B 57 -18.31 -7.92 -15.38
N GLY B 58 -19.20 -8.29 -16.30
CA GLY B 58 -19.50 -9.68 -16.53
C GLY B 58 -20.18 -10.42 -15.39
N MET B 59 -21.06 -9.74 -14.67
CA MET B 59 -21.77 -10.39 -13.57
C MET B 59 -22.97 -11.13 -14.14
N ALA B 60 -23.28 -12.29 -13.56
CA ALA B 60 -24.40 -13.09 -14.02
C ALA B 60 -25.71 -12.58 -13.42
N PRO B 61 -26.79 -12.60 -14.23
CA PRO B 61 -28.11 -12.15 -13.80
C PRO B 61 -28.72 -13.04 -12.72
N ALA B 62 -29.70 -12.51 -11.99
CA ALA B 62 -30.36 -13.25 -10.92
C ALA B 62 -29.34 -13.95 -10.02
N THR B 63 -28.19 -13.32 -9.86
CA THR B 63 -27.13 -13.88 -9.04
C THR B 63 -26.67 -12.89 -7.97
N GLU B 64 -26.78 -13.30 -6.70
CA GLU B 64 -26.36 -12.42 -5.61
C GLU B 64 -24.83 -12.42 -5.49
N HIS B 65 -24.27 -11.23 -5.38
CA HIS B 65 -22.82 -11.07 -5.24
C HIS B 65 -22.51 -10.56 -3.84
N CYS B 66 -21.58 -11.24 -3.18
CA CYS B 66 -21.18 -10.88 -1.82
C CYS B 66 -19.72 -10.44 -1.79
N PHE B 67 -19.50 -9.18 -1.43
CA PHE B 67 -18.17 -8.59 -1.38
C PHE B 67 -17.64 -8.40 0.04
N THR B 68 -16.32 -8.48 0.19
CA THR B 68 -15.67 -8.26 1.47
C THR B 68 -14.36 -7.52 1.29
N LEU B 69 -14.19 -6.44 2.06
CA LEU B 69 -12.95 -5.67 2.04
C LEU B 69 -12.22 -6.25 3.25
N VAL B 70 -11.41 -7.27 2.99
CA VAL B 70 -10.69 -8.01 4.02
C VAL B 70 -9.79 -7.24 4.99
N ASN B 71 -9.26 -6.10 4.55
CA ASN B 71 -8.37 -5.34 5.42
C ASN B 71 -8.98 -4.06 5.99
N ALA B 72 -10.32 -4.00 6.01
CA ALA B 72 -10.99 -2.82 6.55
C ALA B 72 -10.57 -2.58 8.01
N GLY B 73 -10.30 -3.65 8.74
CA GLY B 73 -9.90 -3.52 10.12
C GLY B 73 -8.61 -2.75 10.32
N GLN B 74 -7.77 -2.66 9.28
CA GLN B 74 -6.51 -1.95 9.38
C GLN B 74 -6.55 -0.57 8.73
N SER B 75 -7.74 -0.13 8.32
CA SER B 75 -7.87 1.18 7.68
C SER B 75 -7.59 2.32 8.66
N ALA B 76 -7.40 3.52 8.12
CA ALA B 76 -7.10 4.70 8.91
C ALA B 76 -8.16 4.99 9.97
N TYR B 77 -9.42 4.72 9.65
CA TYR B 77 -10.53 4.98 10.56
C TYR B 77 -11.44 3.75 10.64
N SER B 78 -10.87 2.64 11.10
CA SER B 78 -11.60 1.38 11.20
C SER B 78 -12.85 1.41 12.08
N HIS B 79 -12.87 2.30 13.07
CA HIS B 79 -14.03 2.40 13.95
C HIS B 79 -15.21 3.08 13.25
N ALA B 80 -14.96 3.59 12.04
CA ALA B 80 -16.00 4.29 11.28
C ALA B 80 -16.78 3.37 10.33
N TRP B 81 -16.41 2.10 10.25
CA TRP B 81 -17.11 1.18 9.37
C TRP B 81 -18.47 0.77 9.93
N SER B 82 -18.58 0.76 11.27
CA SER B 82 -19.84 0.40 11.90
C SER B 82 -20.91 1.44 11.52
N GLY B 83 -22.02 0.96 10.97
CA GLY B 83 -23.09 1.87 10.58
C GLY B 83 -22.92 2.46 9.19
N TYR B 84 -21.88 2.04 8.48
CA TYR B 84 -21.62 2.56 7.13
C TYR B 84 -22.15 1.63 6.05
N GLN B 85 -22.81 2.22 5.05
CA GLN B 85 -23.34 1.47 3.92
C GLN B 85 -22.61 1.88 2.65
N ALA B 86 -22.07 0.92 1.91
CA ALA B 86 -21.34 1.21 0.68
C ALA B 86 -22.23 1.84 -0.38
N VAL B 87 -21.61 2.54 -1.32
CA VAL B 87 -22.35 3.21 -2.40
C VAL B 87 -22.08 2.46 -3.72
N ALA B 88 -23.11 2.34 -4.55
CA ALA B 88 -22.97 1.65 -5.83
C ALA B 88 -23.68 2.41 -6.95
N SER B 89 -23.33 2.09 -8.20
CA SER B 89 -23.95 2.73 -9.35
C SER B 89 -23.79 1.90 -10.62
N TYR B 90 -24.86 1.80 -11.41
CA TYR B 90 -24.81 1.04 -12.65
C TYR B 90 -24.30 1.89 -13.81
N ASP B 91 -24.57 3.19 -13.77
CA ASP B 91 -24.14 4.08 -14.85
C ASP B 91 -23.08 5.10 -14.46
N GLY B 92 -22.78 5.20 -13.18
CA GLY B 92 -21.78 6.16 -12.74
C GLY B 92 -22.37 7.54 -12.50
N GLU B 93 -23.67 7.67 -12.72
CA GLU B 93 -24.36 8.94 -12.53
C GLU B 93 -25.29 8.86 -11.32
N ARG B 94 -26.09 7.80 -11.26
CA ARG B 94 -27.01 7.60 -10.15
C ARG B 94 -26.43 6.61 -9.16
N TRP B 95 -26.15 7.10 -7.95
CA TRP B 95 -25.58 6.26 -6.90
C TRP B 95 -26.59 5.94 -5.81
N PHE B 96 -26.51 4.72 -5.28
CA PHE B 96 -27.41 4.27 -4.22
C PHE B 96 -26.66 3.42 -3.19
N ARG B 97 -27.21 3.35 -1.99
CA ARG B 97 -26.59 2.59 -0.91
C ARG B 97 -26.98 1.11 -0.98
N VAL B 98 -26.05 0.25 -0.57
CA VAL B 98 -26.31 -1.19 -0.58
C VAL B 98 -26.14 -1.75 0.83
N PRO B 99 -26.85 -2.84 1.16
CA PRO B 99 -26.74 -3.45 2.49
C PRO B 99 -25.30 -3.77 2.86
N SER B 100 -24.87 -3.28 4.01
CA SER B 100 -23.50 -3.51 4.47
C SER B 100 -23.42 -3.85 5.95
N GLN B 101 -22.41 -4.64 6.31
CA GLN B 101 -22.19 -5.04 7.69
C GLN B 101 -20.68 -4.98 7.97
N TYR B 102 -20.31 -4.93 9.26
CA TYR B 102 -18.90 -4.88 9.64
C TYR B 102 -18.58 -5.77 10.84
N ASP B 103 -17.54 -6.60 10.68
CA ASP B 103 -17.09 -7.48 11.76
C ASP B 103 -15.58 -7.70 11.63
N ALA B 104 -15.06 -8.66 12.39
CA ALA B 104 -13.63 -8.94 12.38
C ALA B 104 -13.08 -9.35 11.02
N ASP B 105 -13.94 -9.83 10.14
CA ASP B 105 -13.51 -10.26 8.81
C ASP B 105 -13.45 -9.09 7.82
N GLY B 106 -13.94 -7.94 8.23
CA GLY B 106 -13.90 -6.77 7.39
C GLY B 106 -15.27 -6.17 7.07
N LEU B 107 -15.31 -5.33 6.05
CA LEU B 107 -16.56 -4.70 5.62
C LEU B 107 -17.19 -5.57 4.54
N HIS B 108 -18.46 -5.91 4.72
CA HIS B 108 -19.16 -6.74 3.75
C HIS B 108 -20.37 -6.00 3.18
N PHE B 109 -20.68 -6.25 1.92
CA PHE B 109 -21.86 -5.67 1.28
C PHE B 109 -22.33 -6.58 0.16
N GLN B 110 -23.64 -6.67 -0.02
CA GLN B 110 -24.22 -7.55 -1.03
C GLN B 110 -25.11 -6.84 -2.04
N LEU B 111 -25.16 -7.39 -3.25
CA LEU B 111 -25.99 -6.85 -4.32
C LEU B 111 -26.28 -7.86 -5.41
N GLU B 112 -27.54 -7.93 -5.82
CA GLU B 112 -27.94 -8.80 -6.91
C GLU B 112 -28.15 -7.78 -8.02
N PRO B 113 -27.12 -7.55 -8.85
CA PRO B 113 -27.15 -6.58 -9.96
C PRO B 113 -28.26 -6.72 -10.98
N GLU B 114 -28.82 -5.58 -11.37
CA GLU B 114 -29.88 -5.53 -12.37
C GLU B 114 -29.22 -5.41 -13.74
N GLU B 115 -27.93 -5.14 -13.73
CA GLU B 115 -27.14 -5.01 -14.95
C GLU B 115 -25.90 -5.89 -14.81
N SER B 116 -25.21 -6.13 -15.92
CA SER B 116 -24.00 -6.96 -15.90
C SER B 116 -22.78 -6.24 -15.34
N GLU B 117 -22.87 -4.91 -15.24
CA GLU B 117 -21.76 -4.13 -14.71
C GLU B 117 -22.22 -3.13 -13.66
N VAL B 118 -21.40 -2.93 -12.64
CA VAL B 118 -21.72 -1.98 -11.57
C VAL B 118 -20.42 -1.48 -10.96
N ARG B 119 -20.51 -0.35 -10.28
CA ARG B 119 -19.33 0.21 -9.64
C ARG B 119 -19.65 0.47 -8.18
N PHE B 120 -18.65 0.35 -7.32
CA PHE B 120 -18.81 0.60 -5.90
C PHE B 120 -17.76 1.60 -5.46
N ALA B 121 -18.10 2.44 -4.48
CA ALA B 121 -17.15 3.43 -3.97
C ALA B 121 -17.53 3.83 -2.55
N TYR B 122 -16.58 4.45 -1.85
CA TYR B 122 -16.80 4.88 -0.47
C TYR B 122 -17.75 6.09 -0.43
N PHE B 123 -17.78 6.84 -1.53
CA PHE B 123 -18.68 7.98 -1.65
C PHE B 123 -18.82 8.32 -3.14
N GLU B 124 -19.89 9.01 -3.51
CA GLU B 124 -20.10 9.40 -4.90
C GLU B 124 -18.85 10.17 -5.32
N PRO B 125 -18.08 9.61 -6.27
CA PRO B 125 -16.84 10.26 -6.74
C PRO B 125 -16.98 11.54 -7.57
N TYR B 126 -16.00 12.42 -7.42
CA TYR B 126 -15.95 13.65 -8.20
C TYR B 126 -14.69 13.50 -9.06
N SER B 127 -14.89 13.23 -10.35
CA SER B 127 -13.77 13.01 -11.26
C SER B 127 -13.00 14.27 -11.66
N ARG B 128 -11.76 14.07 -12.11
CA ARG B 128 -10.94 15.20 -12.55
C ARG B 128 -11.52 15.76 -13.84
N GLU B 129 -12.26 14.92 -14.58
CA GLU B 129 -12.89 15.36 -15.81
C GLU B 129 -14.05 16.30 -15.46
N ARG B 130 -14.80 15.95 -14.41
CA ARG B 130 -15.91 16.79 -14.00
C ARG B 130 -15.36 18.11 -13.45
N HIS B 131 -14.17 18.05 -12.86
CA HIS B 131 -13.52 19.24 -12.33
C HIS B 131 -13.18 20.19 -13.47
N ALA B 132 -12.66 19.65 -14.57
CA ALA B 132 -12.31 20.48 -15.71
C ALA B 132 -13.57 21.14 -16.28
N ARG B 133 -14.66 20.39 -16.30
CA ARG B 133 -15.93 20.91 -16.79
C ARG B 133 -16.45 22.01 -15.87
N LEU B 134 -16.29 21.82 -14.57
CA LEU B 134 -16.72 22.80 -13.58
C LEU B 134 -15.97 24.12 -13.76
N VAL B 135 -14.65 24.04 -13.87
CA VAL B 135 -13.85 25.24 -14.04
C VAL B 135 -14.25 25.95 -15.34
N GLU B 136 -14.45 25.15 -16.39
CA GLU B 136 -14.88 25.66 -17.69
C GLU B 136 -16.20 26.43 -17.57
N ARG B 137 -17.19 25.76 -16.99
CA ARG B 137 -18.51 26.33 -16.80
C ARG B 137 -18.49 27.54 -15.88
N ALA B 138 -17.66 27.49 -14.85
CA ALA B 138 -17.56 28.59 -13.91
C ALA B 138 -17.06 29.88 -14.55
N LEU B 139 -16.10 29.77 -15.46
CA LEU B 139 -15.54 30.95 -16.12
C LEU B 139 -16.54 31.64 -17.03
N GLY B 140 -17.71 31.04 -17.20
CA GLY B 140 -18.74 31.64 -18.03
C GLY B 140 -19.74 32.39 -17.18
N ILE B 141 -19.58 32.28 -15.86
CA ILE B 141 -20.46 32.97 -14.93
C ILE B 141 -19.95 34.39 -14.75
N GLU B 142 -20.86 35.36 -14.72
CA GLU B 142 -20.48 36.76 -14.55
C GLU B 142 -19.68 36.99 -13.28
N GLY B 143 -18.53 37.67 -13.42
CA GLY B 143 -17.69 37.97 -12.28
C GLY B 143 -16.65 36.93 -11.90
N VAL B 144 -16.72 35.75 -12.51
CA VAL B 144 -15.77 34.68 -12.19
C VAL B 144 -14.57 34.69 -13.12
N GLU B 145 -13.38 34.60 -12.53
CA GLU B 145 -12.14 34.59 -13.29
C GLU B 145 -11.14 33.64 -12.66
N ARG B 146 -10.22 33.12 -13.47
CA ARG B 146 -9.19 32.22 -12.97
C ARG B 146 -8.02 33.12 -12.56
N LEU B 147 -8.06 33.57 -11.30
CA LEU B 147 -7.06 34.47 -10.75
C LEU B 147 -5.64 33.94 -10.78
N ALA B 148 -5.48 32.68 -10.36
CA ALA B 148 -4.15 32.07 -10.33
C ALA B 148 -4.25 30.57 -10.46
N VAL B 149 -3.14 29.95 -10.84
CA VAL B 149 -3.09 28.50 -11.00
C VAL B 149 -1.85 27.91 -10.34
N GLY B 150 -2.07 27.10 -9.32
CA GLY B 150 -0.97 26.46 -8.63
C GLY B 150 -0.64 25.15 -9.32
N THR B 151 0.47 24.53 -8.96
CA THR B 151 0.87 23.27 -9.56
C THR B 151 1.17 22.21 -8.51
N SER B 152 0.52 21.05 -8.66
CA SER B 152 0.71 19.93 -7.73
C SER B 152 2.07 19.30 -7.92
N VAL B 153 2.40 18.36 -7.04
CA VAL B 153 3.67 17.65 -7.12
C VAL B 153 3.83 17.00 -8.50
N GLN B 154 2.74 16.43 -9.02
CA GLN B 154 2.79 15.75 -10.31
C GLN B 154 2.42 16.60 -11.53
N GLY B 155 2.32 17.92 -11.34
CA GLY B 155 2.02 18.81 -12.45
C GLY B 155 0.59 19.15 -12.79
N ARG B 156 -0.36 18.83 -11.91
CA ARG B 156 -1.76 19.13 -12.17
C ARG B 156 -2.13 20.52 -11.65
N ASP B 157 -3.12 21.13 -12.29
CA ASP B 157 -3.55 22.48 -11.92
C ASP B 157 -4.35 22.59 -10.61
N ILE B 158 -4.06 23.65 -9.86
CA ILE B 158 -4.77 23.96 -8.63
C ILE B 158 -5.36 25.33 -8.92
N GLU B 159 -6.55 25.36 -9.48
CA GLU B 159 -7.17 26.64 -9.83
C GLU B 159 -7.70 27.42 -8.63
N LEU B 160 -7.41 28.71 -8.63
CA LEU B 160 -7.91 29.62 -7.62
C LEU B 160 -8.83 30.53 -8.41
N LEU B 161 -10.13 30.39 -8.18
CA LEU B 161 -11.11 31.21 -8.88
C LEU B 161 -11.53 32.38 -7.99
N ARG B 162 -11.64 33.56 -8.59
CA ARG B 162 -12.09 34.70 -7.82
C ARG B 162 -13.42 35.17 -8.38
N VAL B 163 -14.36 35.47 -7.50
CA VAL B 163 -15.67 35.96 -7.92
C VAL B 163 -15.69 37.41 -7.46
N ARG B 164 -15.65 38.33 -8.42
CA ARG B 164 -15.64 39.77 -8.14
C ARG B 164 -16.57 40.48 -9.11
N ARG B 165 -17.65 41.05 -8.60
CA ARG B 165 -18.62 41.75 -9.43
C ARG B 165 -18.67 43.26 -9.21
N HIS B 166 -17.93 43.75 -8.22
CA HIS B 166 -17.90 45.18 -7.94
C HIS B 166 -16.51 45.67 -7.55
N PRO B 167 -15.99 46.69 -8.24
CA PRO B 167 -14.66 47.23 -7.96
C PRO B 167 -14.49 47.79 -6.55
N ASP B 168 -15.62 47.97 -5.84
CA ASP B 168 -15.56 48.50 -4.48
C ASP B 168 -15.66 47.51 -3.32
N SER B 169 -15.78 46.22 -3.62
CA SER B 169 -15.85 45.21 -2.57
C SER B 169 -14.59 45.38 -1.70
N HIS B 170 -14.68 45.00 -0.44
CA HIS B 170 -13.53 45.14 0.45
C HIS B 170 -13.19 43.89 1.25
N LEU B 171 -14.09 42.91 1.26
CA LEU B 171 -13.84 41.68 2.01
C LEU B 171 -13.41 40.54 1.09
N LYS B 172 -12.57 39.66 1.62
CA LYS B 172 -12.07 38.50 0.88
C LYS B 172 -12.52 37.22 1.59
N LEU B 173 -13.46 36.49 1.00
CA LEU B 173 -13.98 35.26 1.60
C LEU B 173 -13.36 34.05 0.91
N TRP B 174 -12.61 33.27 1.68
CA TRP B 174 -11.92 32.10 1.15
C TRP B 174 -12.57 30.76 1.47
N VAL B 175 -12.64 29.90 0.46
CA VAL B 175 -13.21 28.57 0.62
C VAL B 175 -12.38 27.59 -0.21
N ILE B 176 -11.74 26.62 0.45
CA ILE B 176 -10.95 25.62 -0.25
C ILE B 176 -11.52 24.24 0.09
N ALA B 177 -11.33 23.29 -0.82
CA ALA B 177 -11.88 21.96 -0.59
C ALA B 177 -11.02 20.77 -0.99
N GLN B 178 -11.34 19.65 -0.36
CA GLN B 178 -10.70 18.36 -0.61
C GLN B 178 -9.18 18.26 -0.45
N GLN B 179 -8.64 18.82 0.64
CA GLN B 179 -7.21 18.69 0.91
C GLN B 179 -6.97 17.19 1.07
N HIS B 180 -7.96 16.49 1.59
CA HIS B 180 -7.88 15.04 1.77
C HIS B 180 -8.62 14.50 0.56
N PRO B 181 -7.88 13.87 -0.37
CA PRO B 181 -8.42 13.32 -1.62
C PRO B 181 -9.64 12.40 -1.60
N GLY B 182 -9.78 11.59 -0.57
CA GLY B 182 -10.92 10.68 -0.51
C GLY B 182 -12.24 11.33 -0.10
N GLU B 183 -12.18 12.57 0.37
CA GLU B 183 -13.39 13.27 0.82
C GLU B 183 -14.07 13.97 -0.36
N HIS B 184 -14.53 13.16 -1.31
CA HIS B 184 -15.18 13.66 -2.52
C HIS B 184 -16.39 14.55 -2.32
N MET B 185 -17.01 14.46 -1.15
CA MET B 185 -18.15 15.32 -0.85
C MET B 185 -17.72 16.78 -0.89
N ALA B 186 -16.44 17.02 -0.64
CA ALA B 186 -15.92 18.38 -0.60
C ALA B 186 -16.04 19.11 -1.94
N GLU B 187 -15.58 18.50 -3.03
CA GLU B 187 -15.72 19.21 -4.30
C GLU B 187 -17.18 19.29 -4.74
N TRP B 188 -18.00 18.31 -4.36
CA TRP B 188 -19.43 18.38 -4.72
C TRP B 188 -20.00 19.65 -4.08
N PHE B 189 -19.59 19.91 -2.84
CA PHE B 189 -20.02 21.09 -2.10
C PHE B 189 -19.64 22.34 -2.89
N MET B 190 -18.42 22.36 -3.42
CA MET B 190 -17.95 23.50 -4.20
C MET B 190 -18.76 23.69 -5.49
N GLU B 191 -19.18 22.59 -6.12
CA GLU B 191 -19.99 22.70 -7.33
C GLU B 191 -21.28 23.43 -7.01
N GLY B 192 -21.92 23.02 -5.92
CA GLY B 192 -23.17 23.66 -5.52
C GLY B 192 -23.01 25.13 -5.19
N LEU B 193 -21.93 25.45 -4.49
CA LEU B 193 -21.64 26.83 -4.10
C LEU B 193 -21.44 27.69 -5.35
N ILE B 194 -20.66 27.20 -6.31
CA ILE B 194 -20.41 27.95 -7.52
C ILE B 194 -21.66 28.11 -8.38
N GLU B 195 -22.43 27.03 -8.52
CA GLU B 195 -23.63 27.10 -9.34
C GLU B 195 -24.70 28.07 -8.80
N ARG B 196 -24.66 28.35 -7.50
CA ARG B 196 -25.62 29.27 -6.91
C ARG B 196 -25.45 30.66 -7.54
N LEU B 197 -24.25 30.93 -8.04
CA LEU B 197 -23.94 32.22 -8.65
C LEU B 197 -24.62 32.42 -10.00
N GLN B 198 -25.26 31.38 -10.51
CA GLN B 198 -25.93 31.43 -11.81
C GLN B 198 -27.38 31.88 -11.72
N ARG B 199 -27.82 32.22 -10.50
CA ARG B 199 -29.21 32.62 -10.28
C ARG B 199 -29.52 34.05 -10.62
N PRO B 200 -30.55 34.26 -11.47
CA PRO B 200 -30.92 35.62 -11.86
C PRO B 200 -31.67 36.25 -10.70
N ASP B 201 -31.60 37.57 -10.59
CA ASP B 201 -32.27 38.31 -9.51
C ASP B 201 -31.98 37.77 -8.08
N ASP B 202 -30.78 37.26 -7.84
CA ASP B 202 -30.44 36.74 -6.51
C ASP B 202 -30.16 37.94 -5.60
N THR B 203 -31.11 38.29 -4.74
CA THR B 203 -30.92 39.44 -3.86
C THR B 203 -29.86 39.20 -2.79
N GLU B 204 -29.83 37.99 -2.24
CA GLU B 204 -28.85 37.66 -1.21
C GLU B 204 -27.45 37.74 -1.78
N MET B 205 -27.24 37.21 -2.92
CA MET B 205 -25.92 37.24 -3.54
C MET B 205 -25.57 38.64 -4.06
N GLN B 206 -26.55 39.36 -4.52
CA GLN B 206 -26.30 40.72 -4.96
C GLN B 206 -25.70 41.52 -3.80
N ARG B 207 -26.30 41.40 -2.63
CA ARG B 207 -25.82 42.11 -1.45
C ARG B 207 -24.44 41.62 -1.03
N LEU B 208 -24.27 40.30 -0.94
CA LEU B 208 -22.99 39.72 -0.56
C LEU B 208 -21.83 40.17 -1.44
N LEU B 209 -22.01 40.05 -2.75
CA LEU B 209 -20.96 40.41 -3.71
C LEU B 209 -20.71 41.90 -3.85
N GLU B 210 -21.56 42.70 -3.24
CA GLU B 210 -21.38 44.14 -3.27
C GLU B 210 -20.40 44.55 -2.19
N LYS B 211 -20.15 43.63 -1.27
CA LYS B 211 -19.27 43.92 -0.15
C LYS B 211 -18.06 42.99 -0.09
N ALA B 212 -18.13 41.86 -0.79
CA ALA B 212 -17.03 40.91 -0.75
C ALA B 212 -16.77 40.18 -2.06
N ASP B 213 -15.54 39.67 -2.19
CA ASP B 213 -15.15 38.87 -3.35
C ASP B 213 -14.96 37.47 -2.80
N LEU B 214 -15.15 36.47 -3.65
CA LEU B 214 -14.96 35.09 -3.22
C LEU B 214 -13.68 34.52 -3.82
N TYR B 215 -12.91 33.84 -2.99
CA TYR B 215 -11.66 33.21 -3.42
C TYR B 215 -11.89 31.72 -3.21
N LEU B 216 -12.05 30.98 -4.31
CA LEU B 216 -12.37 29.56 -4.24
C LEU B 216 -11.35 28.60 -4.87
N VAL B 217 -11.10 27.49 -4.19
CA VAL B 217 -10.20 26.45 -4.71
C VAL B 217 -11.01 25.16 -4.69
N PRO B 218 -11.63 24.82 -5.82
CA PRO B 218 -12.44 23.61 -5.93
C PRO B 218 -11.80 22.29 -5.50
N ASN B 219 -10.50 22.14 -5.73
CA ASN B 219 -9.81 20.92 -5.33
C ASN B 219 -8.34 21.16 -5.00
N MET B 220 -8.02 20.99 -3.72
CA MET B 220 -6.69 21.19 -3.17
C MET B 220 -5.70 20.04 -3.38
N ASN B 221 -6.20 18.89 -3.83
CA ASN B 221 -5.31 17.73 -3.99
C ASN B 221 -5.65 16.88 -5.22
N PRO B 222 -5.45 17.42 -6.43
CA PRO B 222 -5.75 16.68 -7.66
C PRO B 222 -5.00 15.37 -7.82
N ASP B 223 -3.72 15.34 -7.42
CA ASP B 223 -2.95 14.11 -7.53
C ASP B 223 -3.56 13.01 -6.68
N GLY B 224 -3.86 13.35 -5.42
CA GLY B 224 -4.44 12.37 -4.52
C GLY B 224 -5.78 11.86 -4.99
N ALA B 225 -6.64 12.75 -5.48
CA ALA B 225 -7.95 12.36 -5.95
C ALA B 225 -7.83 11.42 -7.15
N PHE B 226 -7.03 11.82 -8.14
CA PHE B 226 -6.84 11.01 -9.33
C PHE B 226 -6.33 9.60 -9.01
N HIS B 227 -5.41 9.49 -8.05
CA HIS B 227 -4.84 8.20 -7.71
C HIS B 227 -5.63 7.36 -6.72
N GLY B 228 -6.80 7.85 -6.32
CA GLY B 228 -7.61 7.08 -5.39
C GLY B 228 -7.11 7.05 -3.96
N ASN B 229 -6.37 8.08 -3.56
CA ASN B 229 -5.86 8.19 -2.20
C ASN B 229 -6.98 8.63 -1.24
N LEU B 230 -6.73 8.48 0.05
CA LEU B 230 -7.69 8.90 1.06
C LEU B 230 -7.23 10.19 1.73
N ARG B 231 -5.99 10.14 2.22
CA ARG B 231 -5.44 11.22 3.03
C ARG B 231 -4.33 12.14 2.55
N THR B 232 -3.35 11.60 1.83
CA THR B 232 -2.19 12.39 1.41
C THR B 232 -2.06 12.75 -0.06
N ASN B 233 -1.17 13.70 -0.35
CA ASN B 233 -0.93 14.11 -1.74
C ASN B 233 0.12 13.15 -2.32
N ALA B 234 0.61 13.42 -3.52
CA ALA B 234 1.57 12.52 -4.15
C ALA B 234 2.83 12.28 -3.32
N ALA B 235 3.26 13.30 -2.59
CA ALA B 235 4.47 13.21 -1.76
C ALA B 235 4.29 12.45 -0.45
N GLY B 236 3.04 12.10 -0.13
CA GLY B 236 2.77 11.36 1.10
C GLY B 236 2.51 12.27 2.29
N GLN B 237 2.28 13.55 2.01
CA GLN B 237 2.02 14.53 3.06
C GLN B 237 0.54 14.79 3.28
N ASP B 238 0.12 14.88 4.54
CA ASP B 238 -1.26 15.19 4.87
C ASP B 238 -1.29 16.71 4.72
N LEU B 239 -1.91 17.19 3.64
CA LEU B 239 -1.94 18.63 3.42
C LEU B 239 -2.54 19.42 4.57
N ASN B 240 -3.44 18.82 5.34
CA ASN B 240 -4.01 19.56 6.46
C ASN B 240 -3.20 19.46 7.75
N ARG B 241 -1.91 19.19 7.59
CA ARG B 241 -0.97 19.13 8.72
C ARG B 241 0.30 19.85 8.26
N ALA B 242 0.21 20.50 7.09
CA ALA B 242 1.36 21.19 6.51
C ALA B 242 1.26 22.71 6.52
N TRP B 243 0.30 23.27 7.24
CA TRP B 243 0.15 24.71 7.20
C TRP B 243 1.17 25.53 7.99
N LEU B 244 1.82 24.92 8.97
CA LEU B 244 2.83 25.64 9.74
C LEU B 244 4.16 25.61 8.98
N GLU B 245 4.41 24.51 8.28
CA GLU B 245 5.64 24.34 7.52
C GLU B 245 5.43 23.83 6.09
N PRO B 246 4.78 24.64 5.24
CA PRO B 246 4.55 24.20 3.86
C PRO B 246 5.84 24.25 3.04
N SER B 247 5.89 23.50 1.94
CA SER B 247 7.09 23.50 1.10
C SER B 247 6.74 23.23 -0.35
N ALA B 248 7.53 23.79 -1.26
CA ALA B 248 7.30 23.61 -2.69
C ALA B 248 7.51 22.16 -3.10
N GLU B 249 8.36 21.45 -2.36
CA GLU B 249 8.66 20.07 -2.69
C GLU B 249 7.67 19.03 -2.15
N ARG B 250 7.19 19.22 -0.93
CA ARG B 250 6.26 18.25 -0.33
C ARG B 250 4.81 18.70 -0.31
N SER B 251 4.56 20.00 -0.17
CA SER B 251 3.18 20.49 -0.12
C SER B 251 2.97 21.76 -0.95
N PRO B 252 3.32 21.68 -2.24
CA PRO B 252 3.17 22.84 -3.14
C PRO B 252 1.73 23.35 -3.20
N GLU B 253 0.78 22.46 -2.97
CA GLU B 253 -0.61 22.85 -3.00
C GLU B 253 -0.91 23.88 -1.91
N VAL B 254 -0.37 23.65 -0.72
CA VAL B 254 -0.58 24.58 0.40
C VAL B 254 0.32 25.80 0.29
N TRP B 255 1.54 25.62 -0.21
CA TRP B 255 2.45 26.73 -0.37
C TRP B 255 1.80 27.76 -1.29
N PHE B 256 1.15 27.26 -2.34
CA PHE B 256 0.47 28.10 -3.31
C PHE B 256 -0.63 28.95 -2.68
N VAL B 257 -1.54 28.30 -1.97
CA VAL B 257 -2.64 29.02 -1.34
C VAL B 257 -2.14 30.05 -0.32
N GLN B 258 -1.14 29.68 0.48
CA GLN B 258 -0.61 30.62 1.46
C GLN B 258 -0.01 31.87 0.81
N GLN B 259 0.65 31.71 -0.32
CA GLN B 259 1.23 32.86 -0.99
C GLN B 259 0.11 33.77 -1.54
N GLU B 260 -0.95 33.17 -2.03
CA GLU B 260 -2.06 33.96 -2.57
C GLU B 260 -2.82 34.66 -1.44
N MET B 261 -2.92 34.02 -0.28
CA MET B 261 -3.61 34.63 0.84
C MET B 261 -2.82 35.85 1.33
N LYS B 262 -1.50 35.73 1.32
CA LYS B 262 -0.66 36.85 1.75
C LYS B 262 -0.85 38.03 0.82
N ARG B 263 -0.97 37.75 -0.48
CA ARG B 263 -1.14 38.81 -1.47
C ARG B 263 -2.48 39.54 -1.41
N HIS B 264 -3.58 38.81 -1.19
CA HIS B 264 -4.89 39.45 -1.17
C HIS B 264 -5.55 39.69 0.19
N GLY B 265 -5.15 38.94 1.21
CA GLY B 265 -5.76 39.09 2.52
C GLY B 265 -6.89 38.10 2.69
N VAL B 266 -7.31 37.87 3.94
CA VAL B 266 -8.38 36.91 4.25
C VAL B 266 -9.28 37.44 5.34
N ASP B 267 -10.60 37.41 5.11
CA ASP B 267 -11.57 37.89 6.09
C ASP B 267 -12.54 36.80 6.53
N LEU B 268 -12.41 35.66 5.96
CA LEU B 268 -13.17 34.45 6.31
C LEU B 268 -12.50 33.23 5.65
N PHE B 269 -12.56 32.14 6.27
CA PHE B 269 -11.95 30.93 5.73
C PHE B 269 -12.76 29.68 6.07
N LEU B 270 -13.11 28.92 5.03
CA LEU B 270 -13.84 27.67 5.20
C LEU B 270 -13.03 26.59 4.50
N ASP B 271 -12.73 25.53 5.24
CA ASP B 271 -11.97 24.39 4.75
C ASP B 271 -12.96 23.23 4.70
N ILE B 272 -13.29 22.76 3.49
CA ILE B 272 -14.30 21.71 3.31
C ILE B 272 -13.77 20.28 3.37
N HIS B 273 -14.34 19.50 4.28
CA HIS B 273 -13.93 18.11 4.52
C HIS B 273 -15.10 17.14 4.63
N GLY B 274 -14.74 15.88 4.86
CA GLY B 274 -15.70 14.81 5.05
C GLY B 274 -15.21 14.01 6.24
N ASP B 275 -16.12 13.56 7.11
CA ASP B 275 -15.71 12.77 8.26
C ASP B 275 -16.25 11.36 8.13
N GLU B 276 -15.37 10.39 8.33
CA GLU B 276 -15.75 8.99 8.23
C GLU B 276 -16.72 8.50 9.30
N GLU B 277 -16.43 8.87 10.55
CA GLU B 277 -17.20 8.41 11.71
C GLU B 277 -18.57 9.02 12.05
N ILE B 278 -18.61 10.33 12.21
CA ILE B 278 -19.83 11.03 12.62
C ILE B 278 -20.91 11.19 11.55
N PRO B 279 -22.11 10.63 11.80
CA PRO B 279 -23.23 10.69 10.86
C PRO B 279 -24.05 11.99 11.00
N HIS B 280 -23.35 13.11 10.97
CA HIS B 280 -23.97 14.42 11.10
C HIS B 280 -23.06 15.46 10.46
N VAL B 281 -23.66 16.47 9.83
CA VAL B 281 -22.88 17.54 9.23
C VAL B 281 -22.58 18.48 10.38
N PHE B 282 -21.33 18.95 10.48
CA PHE B 282 -20.97 19.88 11.54
C PHE B 282 -19.80 20.75 11.14
N ALA B 283 -19.43 21.67 12.03
CA ALA B 283 -18.31 22.57 11.79
C ALA B 283 -17.43 22.65 13.03
N ALA B 284 -16.12 22.62 12.82
CA ALA B 284 -15.16 22.72 13.91
C ALA B 284 -14.43 24.05 13.78
N GLY B 285 -14.38 24.80 14.88
CA GLY B 285 -13.76 26.12 14.86
C GLY B 285 -12.36 26.27 15.44
N CYS B 286 -12.03 27.49 15.84
CA CYS B 286 -10.70 27.80 16.36
C CYS B 286 -10.63 28.07 17.86
N GLU B 287 -11.53 27.48 18.64
CA GLU B 287 -11.55 27.71 20.08
C GLU B 287 -10.25 27.36 20.81
N GLY B 288 -9.39 26.59 20.17
CA GLY B 288 -8.13 26.23 20.80
C GLY B 288 -6.97 27.13 20.39
N ASN B 289 -7.23 28.09 19.50
CA ASN B 289 -6.18 29.00 19.03
C ASN B 289 -5.64 29.93 20.11
N PRO B 290 -4.31 30.10 20.16
CA PRO B 290 -3.77 31.00 21.17
C PRO B 290 -4.33 32.40 20.93
N GLY B 291 -4.72 32.66 19.68
CA GLY B 291 -5.26 33.96 19.32
C GLY B 291 -6.78 34.06 19.32
N TYR B 292 -7.45 33.08 19.92
CA TYR B 292 -8.91 33.07 19.98
C TYR B 292 -9.35 34.30 20.77
N THR B 293 -10.49 34.88 20.38
CA THR B 293 -11.01 36.08 21.03
C THR B 293 -12.53 36.00 21.21
N PRO B 294 -13.09 36.86 22.08
CA PRO B 294 -14.53 36.85 22.27
C PRO B 294 -15.23 37.16 20.94
N ARG B 295 -14.62 38.04 20.15
CA ARG B 295 -15.16 38.39 18.84
C ARG B 295 -15.33 37.16 17.95
N LEU B 296 -14.29 36.34 17.88
CA LEU B 296 -14.33 35.12 17.06
C LEU B 296 -15.30 34.10 17.63
N GLU B 297 -15.36 34.00 18.96
CA GLU B 297 -16.28 33.06 19.58
C GLU B 297 -17.69 33.45 19.20
N ARG B 298 -17.95 34.76 19.16
CA ARG B 298 -19.26 35.27 18.81
C ARG B 298 -19.57 34.99 17.34
N LEU B 299 -18.60 35.27 16.46
CA LEU B 299 -18.83 35.05 15.03
C LEU B 299 -19.08 33.58 14.73
N GLU B 300 -18.43 32.69 15.46
CA GLU B 300 -18.61 31.26 15.25
C GLU B 300 -20.04 30.85 15.62
N GLN B 301 -20.54 31.43 16.71
CA GLN B 301 -21.94 31.19 17.09
C GLN B 301 -22.93 31.69 16.09
N ARG B 302 -22.62 32.86 15.57
CA ARG B 302 -23.49 33.46 14.57
C ARG B 302 -23.55 32.59 13.32
N PHE B 303 -22.39 32.11 12.87
CA PHE B 303 -22.34 31.27 11.68
C PHE B 303 -23.12 29.97 11.90
N ARG B 304 -22.87 29.31 13.02
CA ARG B 304 -23.56 28.04 13.29
C ARG B 304 -25.08 28.18 13.40
N GLU B 305 -25.57 29.21 14.08
CA GLU B 305 -27.01 29.35 14.22
C GLU B 305 -27.69 29.71 12.89
N GLU B 306 -27.05 30.57 12.11
CA GLU B 306 -27.63 30.95 10.83
C GLU B 306 -27.65 29.78 9.85
N LEU B 307 -26.62 28.95 9.88
CA LEU B 307 -26.56 27.81 8.98
C LEU B 307 -27.50 26.69 9.39
N MET B 308 -27.66 26.49 10.70
CA MET B 308 -28.56 25.43 11.17
C MET B 308 -30.00 25.79 10.82
N ALA B 309 -30.26 27.09 10.68
CA ALA B 309 -31.60 27.55 10.35
C ALA B 309 -31.90 27.43 8.86
N ARG B 310 -30.86 27.23 8.06
CA ARG B 310 -31.03 27.15 6.61
C ARG B 310 -30.79 25.79 5.96
N GLY B 311 -29.76 25.07 6.41
CA GLY B 311 -29.48 23.79 5.78
C GLY B 311 -29.37 22.56 6.66
N GLU B 312 -28.85 21.49 6.07
CA GLU B 312 -28.66 20.23 6.78
C GLU B 312 -27.36 20.41 7.54
N PHE B 313 -27.48 20.94 8.76
CA PHE B 313 -26.34 21.25 9.60
C PHE B 313 -26.80 21.26 11.04
N GLN B 314 -25.96 20.75 11.94
CA GLN B 314 -26.32 20.73 13.35
C GLN B 314 -25.11 21.08 14.23
N ILE B 315 -25.35 21.16 15.54
CA ILE B 315 -24.30 21.54 16.48
C ILE B 315 -24.06 20.55 17.62
N ARG B 316 -25.12 19.85 18.04
CA ARG B 316 -25.04 18.88 19.14
C ARG B 316 -23.86 17.93 19.05
N HIS B 317 -23.67 17.33 17.88
CA HIS B 317 -22.59 16.38 17.68
C HIS B 317 -21.40 16.89 16.86
N GLY B 318 -20.26 16.26 17.06
CA GLY B 318 -19.05 16.66 16.36
C GLY B 318 -17.83 16.38 17.21
N TYR B 319 -16.72 17.01 16.86
CA TYR B 319 -15.47 16.82 17.60
C TYR B 319 -15.52 17.58 18.93
N PRO B 320 -14.89 17.02 19.96
CA PRO B 320 -14.90 17.69 21.26
C PRO B 320 -14.14 19.02 21.11
N ARG B 321 -14.61 20.05 21.78
CA ARG B 321 -13.95 21.35 21.68
C ARG B 321 -12.55 21.27 22.28
N SER B 322 -11.63 22.03 21.70
CA SER B 322 -10.26 22.05 22.18
C SER B 322 -10.16 22.89 23.44
N ALA B 323 -9.26 22.49 24.34
CA ALA B 323 -9.04 23.26 25.56
C ALA B 323 -8.35 24.54 25.11
N PRO B 324 -8.56 25.64 25.85
CA PRO B 324 -7.94 26.93 25.49
C PRO B 324 -6.43 26.84 25.18
N GLY B 325 -6.04 27.44 24.06
CA GLY B 325 -4.65 27.44 23.64
C GLY B 325 -4.00 26.13 23.25
N GLN B 326 -4.78 25.06 23.17
CA GLN B 326 -4.21 23.75 22.83
C GLN B 326 -4.45 23.28 21.40
N ALA B 327 -4.79 24.21 20.50
CA ALA B 327 -5.03 23.83 19.12
C ALA B 327 -3.73 23.44 18.42
N ASN B 328 -3.84 22.74 17.29
CA ASN B 328 -2.68 22.37 16.50
C ASN B 328 -2.70 23.32 15.31
N LEU B 329 -1.78 24.27 15.28
CA LEU B 329 -1.74 25.25 14.20
C LEU B 329 -1.24 24.71 12.85
N ALA B 330 -1.01 23.40 12.78
CA ALA B 330 -0.56 22.82 11.51
C ALA B 330 -1.79 22.63 10.63
N LEU B 331 -2.98 22.70 11.24
CA LEU B 331 -4.24 22.57 10.52
C LEU B 331 -4.63 23.90 9.90
N ALA B 332 -5.15 23.83 8.67
CA ALA B 332 -5.56 25.01 7.91
C ALA B 332 -6.51 25.94 8.64
N CYS B 333 -7.61 25.40 9.16
CA CYS B 333 -8.58 26.24 9.86
C CYS B 333 -7.91 27.06 10.95
N ASN B 334 -7.16 26.40 11.82
CA ASN B 334 -6.48 27.08 12.91
C ASN B 334 -5.41 28.06 12.43
N PHE B 335 -4.58 27.62 11.49
CA PHE B 335 -3.51 28.48 10.97
C PHE B 335 -4.03 29.76 10.31
N VAL B 336 -4.96 29.60 9.37
CA VAL B 336 -5.51 30.74 8.67
C VAL B 336 -6.28 31.65 9.61
N GLY B 337 -7.12 31.06 10.46
CA GLY B 337 -7.89 31.85 11.40
C GLY B 337 -7.03 32.74 12.29
N GLN B 338 -5.94 32.19 12.80
CA GLN B 338 -5.07 32.96 13.67
C GLN B 338 -4.17 33.94 12.92
N THR B 339 -3.61 33.50 11.80
CA THR B 339 -2.73 34.36 11.02
C THR B 339 -3.44 35.61 10.53
N TYR B 340 -4.72 35.47 10.18
CA TYR B 340 -5.50 36.59 9.67
C TYR B 340 -6.58 37.12 10.62
N ASP B 341 -6.66 36.56 11.82
CA ASP B 341 -7.64 36.99 12.83
C ASP B 341 -9.03 37.04 12.20
N CYS B 342 -9.42 35.95 11.56
CA CYS B 342 -10.71 35.89 10.89
C CYS B 342 -11.54 34.68 11.29
N LEU B 343 -12.84 34.75 11.02
CA LEU B 343 -13.73 33.63 11.30
C LEU B 343 -13.22 32.48 10.42
N ALA B 344 -13.02 31.32 11.00
CA ALA B 344 -12.53 30.16 10.26
C ALA B 344 -13.12 28.86 10.78
N PHE B 345 -13.70 28.07 9.89
CA PHE B 345 -14.23 26.76 10.22
C PHE B 345 -13.66 25.58 9.29
N THR B 346 -13.59 24.40 9.85
CA THR B 346 -13.58 23.26 9.08
C THR B 346 -15.10 22.81 8.95
N ILE B 347 -15.61 22.62 7.72
CA ILE B 347 -16.97 22.10 7.50
C ILE B 347 -16.79 20.55 7.28
N GLU B 348 -17.53 19.74 8.03
CA GLU B 348 -17.45 18.29 7.89
C GLU B 348 -18.77 17.67 7.47
N MET B 349 -18.75 16.94 6.35
CA MET B 349 -19.93 16.24 5.85
C MET B 349 -19.68 14.75 6.06
N PRO B 350 -20.73 13.99 6.39
CA PRO B 350 -20.60 12.55 6.63
C PRO B 350 -20.47 11.62 5.42
N PHE B 351 -19.70 10.54 5.60
CA PHE B 351 -19.56 9.54 4.55
C PHE B 351 -20.78 8.62 4.68
N LYS B 352 -21.39 8.62 5.85
CA LYS B 352 -22.58 7.82 6.12
C LYS B 352 -23.78 8.66 5.70
N ASP B 353 -24.62 9.04 6.66
CA ASP B 353 -25.79 9.88 6.36
C ASP B 353 -25.81 11.01 7.39
N HIS B 354 -26.65 12.01 7.15
CA HIS B 354 -26.83 13.10 8.11
C HIS B 354 -28.08 12.58 8.81
N ASP B 355 -27.89 11.85 9.90
CA ASP B 355 -28.99 11.22 10.62
C ASP B 355 -30.14 12.11 11.09
N ASP B 356 -29.94 13.43 11.10
CA ASP B 356 -31.01 14.34 11.53
C ASP B 356 -32.09 14.41 10.46
N ASN B 357 -31.72 14.07 9.24
CA ASN B 357 -32.64 14.10 8.10
C ASN B 357 -32.17 12.99 7.17
N PRO B 358 -32.40 11.73 7.57
CA PRO B 358 -31.98 10.54 6.80
C PRO B 358 -32.64 10.27 5.46
N GLU B 359 -31.83 9.73 4.55
CA GLU B 359 -32.25 9.34 3.22
C GLU B 359 -31.54 8.00 3.01
N PRO B 360 -32.20 6.89 3.38
CA PRO B 360 -31.62 5.55 3.26
C PRO B 360 -31.24 5.10 1.87
N GLY B 361 -31.92 5.64 0.87
CA GLY B 361 -31.60 5.26 -0.50
C GLY B 361 -30.26 5.79 -0.99
N THR B 362 -29.87 6.96 -0.51
CA THR B 362 -28.61 7.55 -0.93
C THR B 362 -27.60 7.87 0.16
N GLY B 363 -28.08 8.01 1.40
CA GLY B 363 -27.18 8.38 2.49
C GLY B 363 -26.76 9.80 2.13
N TRP B 364 -25.65 10.29 2.68
CA TRP B 364 -25.21 11.63 2.30
C TRP B 364 -24.75 11.46 0.84
N SER B 365 -25.00 12.46 0.01
CA SER B 365 -24.69 12.37 -1.41
C SER B 365 -24.06 13.61 -2.04
N GLY B 366 -23.75 13.51 -3.33
CA GLY B 366 -23.19 14.63 -4.04
C GLY B 366 -24.21 15.76 -4.10
N ALA B 367 -25.46 15.41 -4.38
CA ALA B 367 -26.53 16.40 -4.46
C ALA B 367 -26.76 17.13 -3.14
N ARG B 368 -26.69 16.40 -2.03
CA ARG B 368 -26.89 17.03 -0.73
C ARG B 368 -25.68 17.88 -0.38
N SER B 369 -24.51 17.49 -0.88
CA SER B 369 -23.30 18.27 -0.65
C SER B 369 -23.44 19.59 -1.40
N LYS B 370 -23.92 19.51 -2.64
CA LYS B 370 -24.15 20.70 -3.46
C LYS B 370 -25.10 21.67 -2.78
N ARG B 371 -26.20 21.14 -2.24
CA ARG B 371 -27.18 21.97 -1.56
C ARG B 371 -26.58 22.66 -0.34
N LEU B 372 -25.77 21.95 0.44
CA LEU B 372 -25.14 22.54 1.62
C LEU B 372 -24.23 23.69 1.19
N GLY B 373 -23.55 23.52 0.05
CA GLY B 373 -22.67 24.57 -0.43
C GLY B 373 -23.45 25.85 -0.70
N GLN B 374 -24.65 25.70 -1.27
CA GLN B 374 -25.48 26.86 -1.55
C GLN B 374 -26.02 27.49 -0.26
N ASP B 375 -26.40 26.65 0.70
CA ASP B 375 -26.92 27.17 1.96
C ASP B 375 -25.81 27.90 2.72
N VAL B 376 -24.57 27.48 2.54
CA VAL B 376 -23.46 28.14 3.19
C VAL B 376 -23.34 29.54 2.61
N LEU B 377 -23.52 29.66 1.29
CA LEU B 377 -23.44 30.97 0.65
C LEU B 377 -24.51 31.91 1.22
N SER B 378 -25.72 31.39 1.43
CA SER B 378 -26.81 32.19 1.98
C SER B 378 -26.45 32.65 3.39
N THR B 379 -25.74 31.79 4.12
CA THR B 379 -25.31 32.10 5.48
C THR B 379 -24.27 33.22 5.47
N LEU B 380 -23.36 33.18 4.50
CA LEU B 380 -22.33 34.21 4.41
C LEU B 380 -22.94 35.56 4.08
N ALA B 381 -23.98 35.56 3.25
CA ALA B 381 -24.66 36.78 2.87
C ALA B 381 -25.26 37.47 4.09
N VAL B 382 -25.75 36.67 5.03
CA VAL B 382 -26.37 37.19 6.26
C VAL B 382 -25.33 37.74 7.24
N LEU B 383 -24.13 37.17 7.20
CA LEU B 383 -23.05 37.55 8.11
C LEU B 383 -22.03 38.55 7.57
N VAL B 384 -22.06 38.84 6.26
CA VAL B 384 -21.09 39.74 5.65
C VAL B 384 -20.81 41.04 6.42
N ASP B 385 -21.84 41.67 6.96
CA ASP B 385 -21.64 42.92 7.69
C ASP B 385 -20.94 42.76 9.03
N GLU B 386 -20.90 41.54 9.55
CA GLU B 386 -20.30 41.26 10.84
C GLU B 386 -18.88 40.70 10.82
N LEU B 387 -18.42 40.25 9.66
CA LEU B 387 -17.09 39.66 9.55
C LEU B 387 -15.93 40.57 9.95
N ARG B 388 -16.09 41.88 9.75
CA ARG B 388 -15.07 42.85 10.12
C ARG B 388 -15.73 44.09 10.71
ZN ZN C . 11.61 -15.27 5.23
C8 GEM D . 12.16 -15.98 9.84
S7 GEM D . 12.46 -17.63 9.12
C6 GEM D . 13.16 -18.51 10.57
C5 GEM D . 13.92 -17.61 11.55
N3 GEM D . 12.98 -16.75 12.28
C1 GEM D . 12.85 -16.90 13.60
N4 GEM D . 13.55 -17.85 14.22
N2 GEM D . 12.02 -16.13 14.29
C9 GEM D . 10.69 -15.58 9.75
O14 GEM D . 9.88 -16.43 9.31
O15 GEM D . 10.40 -14.43 10.11
C10 GEM D . 13.05 -14.93 9.17
C11 GEM D . 12.76 -14.79 7.68
O12 GEM D . 13.73 -14.87 6.89
O13 GEM D . 11.57 -14.60 7.35
ZN ZN E . -10.47 15.85 5.83
#